data_2E4U
#
_entry.id   2E4U
#
_cell.length_a   84.005
_cell.length_b   97.469
_cell.length_c   108.068
_cell.angle_alpha   90.00
_cell.angle_beta   92.95
_cell.angle_gamma   90.00
#
_symmetry.space_group_name_H-M   'P 1 21 1'
#
loop_
_entity.id
_entity.type
_entity.pdbx_description
1 polymer 'Metabotropic glutamate receptor 3'
2 non-polymer 2-acetamido-2-deoxy-beta-D-glucopyranose
3 non-polymer 'GLUTAMIC ACID'
4 water water
#
_entity_poly.entity_id   1
_entity_poly.type   'polypeptide(L)'
_entity_poly.pdbx_seq_one_letter_code
;DHNFMRREIKIEGDLVLGGLFPINEKGTGTEECGRINEDRGIQRLEAMLFAIDEINKDNYLLPGVKLGVHILDTCSRDTY
ALEQSLEFVRASLTKVDEAEYMCPDGSYAIQENIPLLIAGVIGGSYSSVSIQVANLLRLFQIPQISYASTSAKLSDKSRY
DYFARTVPPDFYQAKAMAEILRFFNWTYVSTVASEGDYGETGIEAFEQEARLRNICIATAEKVGRSNIRKSYDSVIRELL
QKPNARVVVLFMRSDDSRELIAAANRVNASFTWVASDGWGAQESIVKGSEHVAYGAITLELASHPVRQFDRYFQSLNPYN
NHRNPWFRDFWEQKFQCSLQNKRNHRQVCDKHLAIDSSNYEQESKIMFVVNAVYAMAHALHKMQRTLCPQTTKLCDAMKI
LDGKKLYKEYLLKIQFTAPFNPNKGADSIVKFDTFGDGMGRYNVFNLQQTGGKYSYLKVGHWAETLSLDVDSIHWSRNSV
PTSQCSDPCAPNEMKNMQPGDVCCWICIPCEPYEYLVDEFTCMDCGPGQWPTADLSGCYNLPEDYIKWEDALVPR
;
_entity_poly.pdbx_strand_id   A,B
#
loop_
_chem_comp.id
_chem_comp.type
_chem_comp.name
_chem_comp.formula
NAG D-saccharide, beta linking 2-acetamido-2-deoxy-beta-D-glucopyranose 'C8 H15 N O6'
#
# COMPACT_ATOMS: atom_id res chain seq x y z
N ARG A 6 23.06 -17.78 4.69
CA ARG A 6 21.81 -18.58 4.79
C ARG A 6 21.57 -19.06 6.23
N ARG A 7 21.85 -18.19 7.19
CA ARG A 7 21.61 -18.57 8.58
C ARG A 7 20.25 -18.12 9.09
N GLU A 8 19.70 -18.88 10.03
CA GLU A 8 18.40 -18.57 10.59
C GLU A 8 18.12 -19.42 11.83
N ILE A 9 17.11 -19.03 12.60
CA ILE A 9 16.72 -19.77 13.77
C ILE A 9 15.32 -20.29 13.54
N LYS A 10 15.19 -21.61 13.51
CA LYS A 10 13.89 -22.24 13.30
C LYS A 10 13.55 -23.13 14.48
N ILE A 11 12.60 -22.71 15.30
CA ILE A 11 12.19 -23.50 16.45
C ILE A 11 10.70 -23.76 16.30
N GLU A 12 10.33 -25.03 16.24
CA GLU A 12 8.94 -25.40 16.10
C GLU A 12 8.09 -25.10 17.33
N GLY A 13 6.79 -24.99 17.10
CA GLY A 13 5.85 -24.73 18.16
C GLY A 13 4.43 -24.79 17.62
N ASP A 14 3.45 -24.80 18.51
CA ASP A 14 2.06 -24.85 18.06
C ASP A 14 1.73 -23.59 17.25
N LEU A 15 2.40 -22.50 17.58
CA LEU A 15 2.21 -21.22 16.89
C LEU A 15 3.61 -20.63 16.73
N VAL A 16 3.89 -20.02 15.59
CA VAL A 16 5.22 -19.46 15.36
C VAL A 16 5.27 -17.96 15.10
N LEU A 17 6.25 -17.31 15.73
CA LEU A 17 6.47 -15.88 15.56
C LEU A 17 7.74 -15.63 14.74
N GLY A 18 7.60 -14.84 13.68
CA GLY A 18 8.75 -14.53 12.88
C GLY A 18 9.50 -13.39 13.55
N GLY A 19 10.81 -13.29 13.30
CA GLY A 19 11.58 -12.22 13.88
C GLY A 19 12.60 -11.64 12.92
N LEU A 20 12.85 -10.34 13.01
CA LEU A 20 13.82 -9.69 12.15
C LEU A 20 14.72 -8.76 12.97
N PHE A 21 16.03 -8.94 12.82
CA PHE A 21 16.97 -8.13 13.55
C PHE A 21 18.18 -7.82 12.70
N PRO A 22 18.78 -6.65 12.90
CA PRO A 22 19.96 -6.29 12.10
C PRO A 22 21.16 -6.97 12.77
N ILE A 23 21.16 -8.30 12.73
CA ILE A 23 22.22 -9.11 13.33
C ILE A 23 23.55 -8.68 12.77
N ASN A 24 23.58 -8.38 11.49
CA ASN A 24 24.81 -7.97 10.86
C ASN A 24 24.67 -6.57 10.33
N GLU A 25 25.80 -5.90 10.20
CA GLU A 25 25.86 -4.55 9.68
C GLU A 25 25.64 -4.69 8.17
N LYS A 26 25.40 -3.58 7.49
CA LYS A 26 25.22 -3.61 6.04
C LYS A 26 26.55 -4.03 5.40
N GLY A 27 26.47 -4.89 4.39
CA GLY A 27 27.67 -5.33 3.72
C GLY A 27 28.23 -4.21 2.86
N THR A 28 29.56 -4.15 2.75
CA THR A 28 30.22 -3.10 1.96
C THR A 28 30.49 -3.56 0.54
N GLY A 29 30.06 -2.75 -0.43
CA GLY A 29 30.28 -3.10 -1.83
C GLY A 29 29.39 -4.22 -2.35
N THR A 30 30.01 -5.31 -2.79
CA THR A 30 29.27 -6.46 -3.34
C THR A 30 28.69 -7.41 -2.29
N GLU A 31 29.25 -7.42 -1.08
CA GLU A 31 28.76 -8.29 -0.01
C GLU A 31 27.48 -7.71 0.61
N GLU A 32 26.55 -8.58 0.98
CA GLU A 32 25.28 -8.16 1.55
C GLU A 32 25.28 -7.96 3.06
N CYS A 33 26.19 -8.63 3.75
CA CYS A 33 26.26 -8.50 5.20
C CYS A 33 27.70 -8.31 5.61
N GLY A 34 27.92 -7.56 6.69
CA GLY A 34 29.27 -7.31 7.15
C GLY A 34 29.52 -7.81 8.55
N ARG A 35 30.06 -6.94 9.40
CA ARG A 35 30.36 -7.28 10.79
C ARG A 35 29.10 -7.48 11.63
N ILE A 36 29.29 -8.09 12.80
CA ILE A 36 28.18 -8.33 13.70
C ILE A 36 27.80 -7.04 14.42
N ASN A 37 26.51 -6.87 14.64
CA ASN A 37 25.97 -5.71 15.35
C ASN A 37 25.72 -6.34 16.72
N GLU A 38 26.69 -6.19 17.61
CA GLU A 38 26.63 -6.79 18.95
C GLU A 38 25.46 -6.39 19.84
N ASP A 39 25.30 -5.10 20.08
CA ASP A 39 24.21 -4.63 20.93
C ASP A 39 22.84 -4.60 20.26
N ARG A 40 22.73 -3.88 19.14
CA ARG A 40 21.44 -3.77 18.48
C ARG A 40 21.05 -5.00 17.67
N GLY A 41 22.00 -5.90 17.45
CA GLY A 41 21.67 -7.09 16.70
C GLY A 41 21.56 -8.31 17.59
N ILE A 42 22.71 -8.79 18.06
CA ILE A 42 22.75 -9.97 18.91
C ILE A 42 21.93 -9.85 20.19
N GLN A 43 22.12 -8.78 20.96
CA GLN A 43 21.36 -8.63 22.20
C GLN A 43 19.85 -8.63 21.98
N ARG A 44 19.40 -7.86 21.00
CA ARG A 44 17.97 -7.77 20.70
C ARG A 44 17.42 -9.13 20.28
N LEU A 45 18.22 -9.87 19.50
CA LEU A 45 17.83 -11.20 19.04
C LEU A 45 17.65 -12.11 20.27
N GLU A 46 18.65 -12.13 21.14
CA GLU A 46 18.58 -12.96 22.34
C GLU A 46 17.43 -12.52 23.23
N ALA A 47 17.10 -11.23 23.22
CA ALA A 47 15.99 -10.75 24.02
C ALA A 47 14.67 -11.38 23.58
N MET A 48 14.51 -11.64 22.28
CA MET A 48 13.28 -12.27 21.80
C MET A 48 13.30 -13.74 22.21
N LEU A 49 14.46 -14.36 22.13
CA LEU A 49 14.60 -15.76 22.51
C LEU A 49 14.27 -15.85 24.00
N PHE A 50 14.82 -14.92 24.76
CA PHE A 50 14.56 -14.84 26.19
C PHE A 50 13.04 -14.76 26.44
N ALA A 51 12.40 -13.79 25.79
CA ALA A 51 10.96 -13.61 25.96
C ALA A 51 10.15 -14.87 25.62
N ILE A 52 10.49 -15.50 24.51
CA ILE A 52 9.82 -16.73 24.07
C ILE A 52 9.99 -17.83 25.14
N ASP A 53 11.19 -17.96 25.69
CA ASP A 53 11.41 -18.97 26.72
C ASP A 53 10.52 -18.69 27.93
N GLU A 54 10.57 -17.46 28.43
CA GLU A 54 9.75 -17.09 29.58
C GLU A 54 8.27 -17.39 29.33
N ILE A 55 7.76 -16.94 28.19
CA ILE A 55 6.37 -17.18 27.86
C ILE A 55 6.08 -18.67 27.82
N ASN A 56 7.06 -19.48 27.40
CA ASN A 56 6.83 -20.92 27.35
C ASN A 56 6.88 -21.60 28.73
N LYS A 57 7.35 -20.87 29.74
CA LYS A 57 7.40 -21.39 31.12
C LYS A 57 6.26 -20.76 31.93
N ASP A 58 5.47 -19.92 31.29
CA ASP A 58 4.39 -19.20 31.95
C ASP A 58 3.03 -19.90 31.89
N ASN A 59 2.54 -20.34 33.04
CA ASN A 59 1.27 -21.05 33.10
C ASN A 59 0.03 -20.17 32.94
N TYR A 60 0.20 -18.85 32.96
CA TYR A 60 -0.96 -17.97 32.82
C TYR A 60 -1.06 -17.26 31.46
N LEU A 61 -0.07 -17.49 30.61
CA LEU A 61 -0.03 -16.88 29.30
C LEU A 61 0.24 -17.97 28.26
N LEU A 62 -0.75 -18.27 27.44
CA LEU A 62 -0.59 -19.29 26.42
C LEU A 62 -0.15 -20.61 27.07
N PRO A 63 -0.80 -21.00 28.17
CA PRO A 63 -0.34 -22.27 28.73
C PRO A 63 -0.87 -23.27 27.69
N GLY A 64 -0.25 -24.42 27.52
CA GLY A 64 -0.79 -25.31 26.51
C GLY A 64 -0.53 -24.94 25.05
N VAL A 65 -0.04 -23.74 24.76
CA VAL A 65 0.28 -23.36 23.38
C VAL A 65 1.74 -22.91 23.32
N LYS A 66 2.63 -23.80 22.88
CA LYS A 66 4.05 -23.45 22.80
C LYS A 66 4.33 -22.53 21.60
N LEU A 67 5.05 -21.45 21.87
CA LEU A 67 5.43 -20.50 20.83
C LEU A 67 6.79 -20.86 20.28
N GLY A 68 6.88 -20.96 18.95
CA GLY A 68 8.15 -21.24 18.31
C GLY A 68 8.58 -19.98 17.57
N VAL A 69 9.71 -20.03 16.90
CA VAL A 69 10.14 -18.85 16.16
C VAL A 69 10.85 -19.17 14.86
N HIS A 70 10.90 -18.15 14.02
CA HIS A 70 11.62 -18.21 12.77
C HIS A 70 12.24 -16.83 12.71
N ILE A 71 13.50 -16.74 13.16
CA ILE A 71 14.19 -15.47 13.19
C ILE A 71 15.22 -15.35 12.05
N LEU A 72 15.20 -14.19 11.39
CA LEU A 72 16.10 -13.91 10.28
C LEU A 72 16.87 -12.60 10.47
N ASP A 73 18.03 -12.55 9.84
CA ASP A 73 18.91 -11.39 9.87
C ASP A 73 18.45 -10.43 8.74
N THR A 74 18.46 -9.12 8.99
CA THR A 74 18.05 -8.17 7.95
C THR A 74 19.28 -7.54 7.32
N CYS A 75 20.43 -7.78 7.95
CA CYS A 75 21.71 -7.22 7.53
C CYS A 75 21.60 -5.71 7.35
N SER A 76 20.75 -5.10 8.16
CA SER A 76 20.54 -3.65 8.15
C SER A 76 20.14 -3.07 6.79
N ARG A 77 19.48 -3.86 5.96
CA ARG A 77 19.07 -3.37 4.66
C ARG A 77 17.67 -3.78 4.33
N ASP A 78 16.84 -2.79 4.00
CA ASP A 78 15.46 -3.05 3.65
C ASP A 78 15.25 -4.09 2.53
N THR A 79 16.02 -4.02 1.44
CA THR A 79 15.81 -4.99 0.35
C THR A 79 16.13 -6.39 0.80
N TYR A 80 17.18 -6.53 1.59
CA TYR A 80 17.59 -7.84 2.07
C TYR A 80 16.50 -8.38 3.02
N ALA A 81 16.03 -7.52 3.92
CA ALA A 81 15.02 -7.91 4.89
C ALA A 81 13.74 -8.36 4.17
N LEU A 82 13.41 -7.63 3.10
CA LEU A 82 12.22 -7.91 2.32
C LEU A 82 12.32 -9.30 1.69
N GLU A 83 13.48 -9.62 1.11
CA GLU A 83 13.66 -10.92 0.47
C GLU A 83 13.57 -12.03 1.50
N GLN A 84 14.16 -11.79 2.67
CA GLN A 84 14.12 -12.75 3.76
C GLN A 84 12.67 -12.99 4.17
N SER A 85 11.91 -11.89 4.29
CA SER A 85 10.53 -11.99 4.72
C SER A 85 9.63 -12.83 3.85
N LEU A 86 10.05 -13.09 2.61
CA LEU A 86 9.27 -13.91 1.70
C LEU A 86 9.11 -15.26 2.38
N GLU A 87 10.10 -15.60 3.20
CA GLU A 87 10.10 -16.85 3.95
C GLU A 87 8.87 -16.95 4.83
N PHE A 88 8.45 -15.81 5.37
CA PHE A 88 7.30 -15.77 6.25
C PHE A 88 5.97 -16.01 5.58
N VAL A 89 5.87 -15.74 4.29
CA VAL A 89 4.60 -15.89 3.57
C VAL A 89 4.49 -17.13 2.73
N ARG A 90 5.62 -17.70 2.31
CA ARG A 90 5.61 -18.91 1.51
C ARG A 90 5.08 -19.98 2.44
N ALA A 91 5.22 -19.70 3.73
CA ALA A 91 4.78 -20.58 4.80
C ALA A 91 3.27 -20.81 4.76
N SER A 92 2.51 -19.74 4.55
CA SER A 92 1.06 -19.83 4.50
C SER A 92 0.54 -20.43 3.19
N LEU A 93 1.26 -21.42 2.67
CA LEU A 93 0.87 -22.09 1.43
C LEU A 93 0.82 -23.60 1.64
N ILE A 114 8.70 -28.35 5.90
CA ILE A 114 9.85 -27.48 6.08
C ILE A 114 9.47 -26.04 6.47
N PRO A 115 8.55 -25.40 5.72
CA PRO A 115 8.14 -24.02 6.03
C PRO A 115 7.18 -23.90 7.21
N LEU A 116 7.49 -22.98 8.12
CA LEU A 116 6.68 -22.76 9.32
C LEU A 116 5.68 -21.63 9.13
N LEU A 117 4.42 -21.91 9.43
CA LEU A 117 3.33 -20.94 9.33
C LEU A 117 3.58 -19.83 10.36
N ILE A 118 3.51 -18.59 9.92
CA ILE A 118 3.78 -17.47 10.81
C ILE A 118 2.52 -16.76 11.33
N ALA A 119 2.36 -16.76 12.65
CA ALA A 119 1.21 -16.10 13.27
C ALA A 119 1.40 -14.58 13.24
N GLY A 120 2.63 -14.14 13.47
CA GLY A 120 2.94 -12.72 13.48
C GLY A 120 4.44 -12.51 13.43
N VAL A 121 4.87 -11.30 13.08
CA VAL A 121 6.29 -11.01 12.97
C VAL A 121 6.72 -9.93 13.93
N ILE A 122 7.85 -10.17 14.58
CA ILE A 122 8.40 -9.24 15.53
C ILE A 122 9.59 -8.59 14.89
N GLY A 123 9.52 -7.31 14.63
CA GLY A 123 10.70 -6.76 14.08
C GLY A 123 10.73 -5.68 13.06
N GLY A 124 11.98 -5.42 12.76
CA GLY A 124 12.41 -4.38 11.89
C GLY A 124 12.97 -3.44 12.95
N SER A 125 14.23 -3.07 12.81
CA SER A 125 14.82 -2.10 13.70
C SER A 125 14.77 -0.83 12.84
N TYR A 126 15.46 -0.83 11.70
CA TYR A 126 15.44 0.32 10.82
C TYR A 126 14.05 0.53 10.22
N SER A 127 13.57 1.77 10.23
CA SER A 127 12.25 2.06 9.68
C SER A 127 12.12 1.63 8.22
N SER A 128 13.20 1.76 7.46
CA SER A 128 13.12 1.38 6.07
C SER A 128 12.83 -0.11 5.94
N VAL A 129 13.39 -0.98 6.80
CA VAL A 129 13.08 -2.40 6.66
C VAL A 129 11.68 -2.70 7.16
N SER A 130 11.27 -2.10 8.28
CA SER A 130 9.93 -2.32 8.80
C SER A 130 8.86 -1.92 7.78
N ILE A 131 9.10 -0.81 7.10
CA ILE A 131 8.16 -0.33 6.08
C ILE A 131 8.03 -1.34 4.94
N GLN A 132 9.14 -1.66 4.29
CA GLN A 132 9.09 -2.63 3.19
C GLN A 132 8.53 -3.97 3.65
N VAL A 133 8.92 -4.44 4.83
CA VAL A 133 8.39 -5.71 5.30
C VAL A 133 6.89 -5.57 5.52
N ALA A 134 6.47 -4.41 6.01
CA ALA A 134 5.06 -4.17 6.23
C ALA A 134 4.26 -4.21 4.93
N ASN A 135 4.81 -3.71 3.83
CA ASN A 135 4.08 -3.74 2.56
C ASN A 135 3.87 -5.17 2.06
N LEU A 136 4.73 -6.08 2.49
CA LEU A 136 4.58 -7.48 2.08
C LEU A 136 3.62 -8.22 3.04
N LEU A 137 3.88 -8.09 4.33
CA LEU A 137 3.10 -8.78 5.33
C LEU A 137 1.59 -8.47 5.27
N ARG A 138 1.23 -7.21 5.03
CA ARG A 138 -0.19 -6.84 4.96
C ARG A 138 -0.93 -7.63 3.86
N LEU A 139 -0.21 -7.95 2.80
CA LEU A 139 -0.81 -8.70 1.71
C LEU A 139 -1.30 -10.09 2.16
N PHE A 140 -0.71 -10.61 3.23
CA PHE A 140 -1.11 -11.93 3.72
C PHE A 140 -1.70 -11.86 5.14
N GLN A 141 -2.13 -10.67 5.52
CA GLN A 141 -2.74 -10.44 6.83
C GLN A 141 -1.92 -10.99 8.00
N ILE A 142 -0.63 -10.65 8.00
CA ILE A 142 0.26 -11.09 9.05
C ILE A 142 0.64 -9.88 9.90
N PRO A 143 0.19 -9.84 11.16
CA PRO A 143 0.51 -8.71 12.05
C PRO A 143 2.01 -8.58 12.35
N GLN A 144 2.44 -7.33 12.48
CA GLN A 144 3.84 -7.02 12.70
C GLN A 144 3.97 -5.98 13.80
N ILE A 145 4.91 -6.21 14.71
CA ILE A 145 5.16 -5.27 15.79
C ILE A 145 6.63 -4.93 15.79
N SER A 146 6.98 -3.66 15.58
CA SER A 146 8.38 -3.28 15.62
C SER A 146 8.73 -2.80 17.03
N TYR A 147 9.97 -3.04 17.42
CA TYR A 147 10.46 -2.66 18.75
C TYR A 147 11.43 -1.47 18.66
N ALA A 148 11.57 -0.89 17.47
CA ALA A 148 12.49 0.22 17.35
C ALA A 148 12.24 1.17 16.18
N SER A 149 11.46 0.76 15.19
CA SER A 149 11.21 1.62 14.02
C SER A 149 10.37 2.83 14.42
N THR A 150 10.97 4.02 14.35
CA THR A 150 10.27 5.23 14.77
C THR A 150 9.67 6.16 13.69
N SER A 151 9.84 5.88 12.41
CA SER A 151 9.32 6.77 11.38
C SER A 151 7.84 7.11 11.49
N ALA A 152 7.53 8.39 11.31
CA ALA A 152 6.14 8.82 11.39
C ALA A 152 5.28 8.20 10.29
N LYS A 153 5.92 7.74 9.21
CA LYS A 153 5.18 7.13 8.11
C LYS A 153 4.38 5.92 8.59
N LEU A 154 5.01 5.10 9.43
CA LEU A 154 4.36 3.90 9.92
C LEU A 154 3.04 4.11 10.70
N SER A 155 2.72 5.37 11.01
CA SER A 155 1.47 5.68 11.72
C SER A 155 0.27 5.67 10.75
N ASP A 156 0.55 5.74 9.45
CA ASP A 156 -0.51 5.74 8.44
C ASP A 156 -1.14 4.35 8.33
N LYS A 157 -2.30 4.18 8.95
CA LYS A 157 -2.99 2.89 8.91
C LYS A 157 -3.65 2.54 7.58
N SER A 158 -3.65 3.46 6.63
CA SER A 158 -4.27 3.16 5.33
C SER A 158 -3.21 2.47 4.48
N ARG A 159 -1.96 2.58 4.90
CA ARG A 159 -0.87 1.95 4.18
C ARG A 159 -0.26 0.80 4.98
N TYR A 160 -0.10 1.00 6.28
CA TYR A 160 0.49 -0.04 7.10
C TYR A 160 -0.53 -0.58 8.12
N ASP A 161 -1.62 -1.10 7.58
CA ASP A 161 -2.74 -1.61 8.37
C ASP A 161 -2.56 -2.89 9.19
N TYR A 162 -1.38 -3.51 9.11
CA TYR A 162 -1.10 -4.70 9.90
C TYR A 162 0.13 -4.45 10.73
N PHE A 163 0.51 -3.18 10.82
CA PHE A 163 1.70 -2.78 11.58
C PHE A 163 1.39 -2.03 12.87
N ALA A 164 2.16 -2.37 13.90
CA ALA A 164 2.04 -1.75 15.21
C ALA A 164 3.46 -1.68 15.73
N ARG A 165 3.67 -0.99 16.84
CA ARG A 165 5.00 -0.85 17.39
C ARG A 165 4.92 -0.47 18.87
N THR A 166 5.97 -0.79 19.61
CA THR A 166 6.01 -0.50 21.04
C THR A 166 6.77 0.81 21.32
N VAL A 167 7.11 1.54 20.25
CA VAL A 167 7.83 2.81 20.36
C VAL A 167 7.01 3.92 19.66
N PRO A 168 7.25 5.20 20.01
CA PRO A 168 6.49 6.30 19.38
C PRO A 168 7.07 6.80 18.05
N PRO A 169 6.28 7.57 17.28
CA PRO A 169 6.68 8.14 15.99
C PRO A 169 7.57 9.37 16.19
N ASP A 170 8.50 9.59 15.27
CA ASP A 170 9.42 10.71 15.37
C ASP A 170 8.78 12.08 15.26
N PHE A 171 7.46 12.09 15.12
CA PHE A 171 6.71 13.33 15.08
C PHE A 171 7.08 14.01 16.40
N TYR A 172 7.20 13.22 17.47
CA TYR A 172 7.56 13.78 18.77
C TYR A 172 9.06 14.00 18.97
N GLN A 173 9.88 13.01 18.58
CA GLN A 173 11.31 13.16 18.77
C GLN A 173 11.80 14.46 18.13
N ALA A 174 11.26 14.79 16.97
CA ALA A 174 11.64 16.02 16.27
C ALA A 174 11.32 17.23 17.14
N LYS A 175 10.18 17.19 17.84
CA LYS A 175 9.80 18.28 18.71
C LYS A 175 10.79 18.40 19.86
N ALA A 176 11.14 17.26 20.46
CA ALA A 176 12.08 17.28 21.56
C ALA A 176 13.39 17.95 21.15
N MET A 177 13.92 17.58 20.00
CA MET A 177 15.17 18.16 19.51
C MET A 177 15.05 19.67 19.26
N ALA A 178 14.00 20.08 18.56
CA ALA A 178 13.79 21.50 18.27
C ALA A 178 13.67 22.33 19.54
N GLU A 179 12.97 21.80 20.55
CA GLU A 179 12.81 22.54 21.81
C GLU A 179 14.14 22.65 22.56
N ILE A 180 15.02 21.68 22.39
CA ILE A 180 16.30 21.73 23.06
C ILE A 180 17.07 22.90 22.47
N LEU A 181 17.11 22.96 21.14
CA LEU A 181 17.81 24.05 20.46
C LEU A 181 17.21 25.39 20.89
N ARG A 182 15.88 25.50 20.80
CA ARG A 182 15.18 26.73 21.17
C ARG A 182 15.48 27.18 22.59
N PHE A 183 15.78 26.23 23.46
CA PHE A 183 16.09 26.52 24.85
C PHE A 183 17.40 27.28 24.97
N PHE A 184 18.47 26.67 24.48
CA PHE A 184 19.80 27.30 24.53
C PHE A 184 19.93 28.37 23.45
N ASN A 185 18.81 28.74 22.85
CA ASN A 185 18.77 29.76 21.81
C ASN A 185 19.66 29.50 20.59
N TRP A 186 19.84 28.23 20.21
CA TRP A 186 20.64 27.88 19.05
C TRP A 186 19.75 28.09 17.82
N THR A 187 19.75 29.32 17.31
CA THR A 187 18.92 29.70 16.16
C THR A 187 19.60 29.48 14.82
N TYR A 188 20.89 29.14 14.83
CA TYR A 188 21.63 28.91 13.60
C TYR A 188 22.36 27.58 13.68
N VAL A 189 21.77 26.56 13.05
CA VAL A 189 22.36 25.22 13.08
C VAL A 189 22.37 24.58 11.70
N SER A 190 23.19 23.55 11.57
CA SER A 190 23.28 22.80 10.33
C SER A 190 22.65 21.43 10.63
N THR A 191 22.15 20.77 9.60
CA THR A 191 21.54 19.47 9.78
C THR A 191 22.04 18.48 8.73
N VAL A 192 22.22 17.24 9.14
CA VAL A 192 22.62 16.19 8.24
C VAL A 192 21.71 15.01 8.57
N ALA A 193 21.09 14.45 7.53
CA ALA A 193 20.18 13.34 7.71
C ALA A 193 20.51 12.17 6.79
N SER A 194 20.14 10.97 7.25
CA SER A 194 20.36 9.76 6.48
C SER A 194 19.29 9.67 5.39
N GLU A 195 19.69 9.22 4.20
CA GLU A 195 18.71 9.03 3.16
C GLU A 195 17.93 7.82 3.63
N GLY A 196 16.62 7.81 3.37
CA GLY A 196 15.80 6.70 3.80
C GLY A 196 14.57 7.21 4.51
N ASP A 197 13.67 6.31 4.87
CA ASP A 197 12.45 6.70 5.56
C ASP A 197 12.69 7.18 6.99
N TYR A 198 13.83 6.85 7.58
CA TYR A 198 14.10 7.29 8.95
C TYR A 198 14.65 8.72 8.98
N GLY A 199 15.76 8.93 8.28
CA GLY A 199 16.40 10.24 8.27
C GLY A 199 15.62 11.34 7.60
N GLU A 200 15.11 11.08 6.40
CA GLU A 200 14.39 12.10 5.66
C GLU A 200 13.10 12.57 6.34
N THR A 201 12.22 11.64 6.71
CA THR A 201 10.99 12.08 7.36
C THR A 201 11.31 12.64 8.73
N GLY A 202 12.33 12.07 9.38
CA GLY A 202 12.72 12.57 10.69
C GLY A 202 13.25 13.99 10.59
N ILE A 203 14.09 14.26 9.59
CA ILE A 203 14.63 15.59 9.41
C ILE A 203 13.57 16.59 8.93
N GLU A 204 12.62 16.12 8.13
CA GLU A 204 11.55 17.02 7.65
C GLU A 204 10.76 17.54 8.84
N ALA A 205 10.46 16.64 9.78
CA ALA A 205 9.71 17.03 10.96
C ALA A 205 10.49 18.06 11.76
N PHE A 206 11.80 17.86 11.88
CA PHE A 206 12.63 18.79 12.62
C PHE A 206 12.56 20.17 11.99
N GLU A 207 12.83 20.23 10.70
CA GLU A 207 12.79 21.48 9.95
C GLU A 207 11.50 22.26 10.25
N GLN A 208 10.37 21.58 10.19
CA GLN A 208 9.09 22.22 10.49
C GLN A 208 9.09 22.77 11.92
N GLU A 209 9.47 21.92 12.88
CA GLU A 209 9.50 22.34 14.26
C GLU A 209 10.49 23.48 14.46
N ALA A 210 11.47 23.56 13.56
CA ALA A 210 12.48 24.60 13.62
C ALA A 210 11.90 25.95 13.20
N ARG A 211 11.30 26.02 12.03
CA ARG A 211 10.69 27.25 11.54
C ARG A 211 9.80 27.86 12.62
N LEU A 212 8.91 27.04 13.17
CA LEU A 212 7.96 27.48 14.19
C LEU A 212 8.59 28.10 15.44
N ARG A 213 9.87 27.82 15.68
CA ARG A 213 10.57 28.34 16.84
C ARG A 213 11.65 29.32 16.44
N ASN A 214 11.56 29.80 15.19
CA ASN A 214 12.53 30.75 14.66
C ASN A 214 13.97 30.27 14.73
N ILE A 215 14.20 29.07 14.22
CA ILE A 215 15.55 28.48 14.18
C ILE A 215 15.89 28.27 12.72
N CYS A 216 17.04 28.78 12.29
CA CYS A 216 17.43 28.63 10.90
C CYS A 216 18.44 27.52 10.65
N ILE A 217 18.40 27.00 9.44
CA ILE A 217 19.29 25.94 9.03
C ILE A 217 20.39 26.51 8.12
N ALA A 218 21.62 26.51 8.64
CA ALA A 218 22.75 27.02 7.89
C ALA A 218 22.91 26.20 6.62
N THR A 219 23.00 24.88 6.77
CA THR A 219 23.15 23.98 5.64
C THR A 219 22.55 22.60 5.94
N ALA A 220 21.71 22.12 5.03
CA ALA A 220 21.07 20.83 5.19
C ALA A 220 21.79 19.78 4.36
N GLU A 221 22.54 18.91 5.03
CA GLU A 221 23.29 17.86 4.36
C GLU A 221 22.61 16.50 4.52
N LYS A 222 22.97 15.56 3.65
CA LYS A 222 22.41 14.23 3.76
C LYS A 222 23.25 13.17 3.04
N VAL A 223 23.51 12.08 3.75
CA VAL A 223 24.30 10.95 3.24
C VAL A 223 23.34 9.77 3.08
N GLY A 224 23.75 8.75 2.33
CA GLY A 224 22.85 7.62 2.16
C GLY A 224 23.39 6.29 1.71
N ARG A 225 22.65 5.67 0.79
CA ARG A 225 22.99 4.37 0.23
C ARG A 225 24.33 4.35 -0.49
N SER A 226 25.10 3.29 -0.26
CA SER A 226 26.40 3.10 -0.87
C SER A 226 27.26 4.35 -0.84
N ASN A 227 27.47 4.89 0.35
CA ASN A 227 28.29 6.09 0.52
C ASN A 227 29.62 5.72 1.15
N ILE A 228 30.71 6.12 0.50
CA ILE A 228 32.05 5.84 1.01
C ILE A 228 32.57 7.08 1.72
N ARG A 229 33.76 6.97 2.30
CA ARG A 229 34.37 8.09 3.01
C ARG A 229 34.09 9.44 2.36
N LYS A 230 34.52 9.59 1.12
CA LYS A 230 34.35 10.85 0.38
C LYS A 230 33.02 11.57 0.60
N SER A 231 31.90 10.87 0.45
CA SER A 231 30.60 11.49 0.65
C SER A 231 30.51 12.11 2.04
N TYR A 232 31.08 11.43 3.03
CA TYR A 232 31.05 11.94 4.39
C TYR A 232 32.05 13.08 4.57
N ASP A 233 33.27 12.88 4.07
CA ASP A 233 34.31 13.91 4.17
C ASP A 233 33.75 15.19 3.57
N SER A 234 33.02 15.02 2.47
CA SER A 234 32.39 16.14 1.77
C SER A 234 31.34 16.82 2.63
N VAL A 235 30.72 16.09 3.55
CA VAL A 235 29.70 16.68 4.42
C VAL A 235 30.36 17.49 5.53
N ILE A 236 31.49 17.00 6.02
CA ILE A 236 32.21 17.69 7.06
C ILE A 236 32.72 19.03 6.51
N ARG A 237 33.29 19.00 5.30
CA ARG A 237 33.80 20.22 4.69
C ARG A 237 32.68 21.24 4.62
N GLU A 238 31.54 20.83 4.08
CA GLU A 238 30.41 21.72 3.94
C GLU A 238 29.88 22.24 5.28
N LEU A 239 30.00 21.44 6.33
CA LEU A 239 29.55 21.88 7.65
C LEU A 239 30.52 22.96 8.12
N LEU A 240 31.78 22.78 7.75
CA LEU A 240 32.83 23.71 8.14
C LEU A 240 32.71 25.04 7.41
N GLN A 241 31.97 25.06 6.30
CA GLN A 241 31.77 26.28 5.53
C GLN A 241 30.71 27.18 6.17
N LYS A 242 30.16 26.73 7.30
CA LYS A 242 29.16 27.49 8.04
C LYS A 242 29.65 27.52 9.48
N PRO A 243 30.85 28.10 9.68
CA PRO A 243 31.51 28.22 10.99
C PRO A 243 30.64 28.70 12.14
N ASN A 244 29.74 29.65 11.88
CA ASN A 244 28.88 30.15 12.95
C ASN A 244 27.98 29.06 13.48
N ALA A 245 27.50 28.20 12.58
CA ALA A 245 26.65 27.09 12.97
C ALA A 245 27.56 26.06 13.64
N ARG A 246 27.71 26.16 14.95
CA ARG A 246 28.57 25.26 15.69
C ARG A 246 27.78 24.05 16.24
N VAL A 247 26.46 24.14 16.17
CA VAL A 247 25.59 23.06 16.61
C VAL A 247 25.01 22.37 15.38
N VAL A 248 25.23 21.06 15.28
CA VAL A 248 24.74 20.30 14.13
C VAL A 248 23.73 19.25 14.54
N VAL A 249 22.51 19.37 14.03
CA VAL A 249 21.43 18.44 14.31
C VAL A 249 21.57 17.20 13.42
N LEU A 250 21.53 16.02 14.05
CA LEU A 250 21.67 14.77 13.32
C LEU A 250 20.45 13.87 13.46
N PHE A 251 19.94 13.42 12.32
CA PHE A 251 18.83 12.48 12.29
C PHE A 251 19.31 11.40 11.34
N MET A 252 20.20 10.56 11.85
CA MET A 252 20.82 9.53 11.05
C MET A 252 20.77 8.12 11.61
N ARG A 253 20.89 7.16 10.71
CA ARG A 253 20.92 5.75 11.06
C ARG A 253 22.15 5.56 11.94
N SER A 254 22.18 4.44 12.66
CA SER A 254 23.30 4.10 13.53
C SER A 254 24.61 4.01 12.73
N ASP A 255 24.58 3.20 11.66
CA ASP A 255 25.76 3.02 10.82
C ASP A 255 26.24 4.32 10.18
N ASP A 256 25.30 5.12 9.65
CA ASP A 256 25.68 6.39 9.03
C ASP A 256 26.32 7.32 10.06
N SER A 257 25.74 7.38 11.26
CA SER A 257 26.27 8.25 12.31
C SER A 257 27.74 7.93 12.58
N ARG A 258 28.03 6.64 12.68
CA ARG A 258 29.37 6.15 12.94
C ARG A 258 30.31 6.68 11.87
N GLU A 259 29.86 6.62 10.62
CA GLU A 259 30.65 7.10 9.50
C GLU A 259 30.91 8.60 9.57
N LEU A 260 29.87 9.36 9.93
CA LEU A 260 29.99 10.80 10.01
C LEU A 260 30.96 11.22 11.11
N ILE A 261 30.88 10.56 12.26
CA ILE A 261 31.78 10.88 13.36
C ILE A 261 33.24 10.59 12.99
N ALA A 262 33.46 9.47 12.33
CA ALA A 262 34.81 9.10 11.91
C ALA A 262 35.36 10.15 10.96
N ALA A 263 34.51 10.64 10.05
CA ALA A 263 34.92 11.64 9.07
C ALA A 263 35.35 12.92 9.76
N ALA A 264 34.59 13.34 10.78
CA ALA A 264 34.91 14.55 11.51
C ALA A 264 36.24 14.36 12.23
N ASN A 265 36.48 13.13 12.67
CA ASN A 265 37.70 12.80 13.39
C ASN A 265 38.96 12.92 12.53
N ARG A 266 38.84 12.60 11.24
CA ARG A 266 39.99 12.68 10.34
C ARG A 266 40.51 14.11 10.22
N VAL A 267 39.63 15.03 9.84
CA VAL A 267 40.02 16.43 9.69
C VAL A 267 39.88 17.16 11.02
N ASN A 268 39.85 16.37 12.10
CA ASN A 268 39.72 16.91 13.45
C ASN A 268 38.73 18.06 13.57
N ALA A 269 37.55 17.88 12.98
CA ALA A 269 36.50 18.89 13.07
C ALA A 269 35.85 18.74 14.43
N SER A 270 35.27 19.83 14.93
CA SER A 270 34.62 19.78 16.24
C SER A 270 33.36 20.63 16.31
N PHE A 271 32.23 19.96 16.48
CA PHE A 271 30.94 20.65 16.61
C PHE A 271 30.23 20.05 17.80
N THR A 272 29.11 20.64 18.16
CA THR A 272 28.29 20.14 19.24
C THR A 272 27.19 19.39 18.51
N TRP A 273 27.14 18.07 18.69
CA TRP A 273 26.14 17.25 18.02
C TRP A 273 24.86 17.06 18.82
N VAL A 274 23.73 17.06 18.13
CA VAL A 274 22.43 16.85 18.74
C VAL A 274 21.82 15.77 17.85
N ALA A 275 21.99 14.52 18.25
CA ALA A 275 21.52 13.39 17.46
C ALA A 275 20.29 12.66 17.99
N SER A 276 19.55 12.07 17.07
CA SER A 276 18.35 11.33 17.41
C SER A 276 18.71 9.92 17.89
N ASP A 277 17.71 9.13 18.25
CA ASP A 277 17.95 7.77 18.75
C ASP A 277 18.78 6.88 17.82
N GLY A 278 18.86 7.25 16.55
CA GLY A 278 19.65 6.45 15.62
C GLY A 278 21.04 6.28 16.21
N TRP A 279 21.54 7.37 16.78
CA TRP A 279 22.85 7.41 17.44
C TRP A 279 22.57 6.92 18.84
N GLY A 280 21.67 7.62 19.52
CA GLY A 280 21.29 7.24 20.87
C GLY A 280 22.39 7.24 21.90
N ALA A 281 22.39 6.21 22.73
CA ALA A 281 23.36 6.05 23.80
C ALA A 281 24.30 4.91 23.47
N GLN A 282 24.66 4.78 22.20
CA GLN A 282 25.57 3.72 21.79
C GLN A 282 27.03 4.16 21.90
N GLU A 283 27.80 3.42 22.68
CA GLU A 283 29.21 3.74 22.82
C GLU A 283 29.98 3.33 21.57
N SER A 284 29.48 2.34 20.85
CA SER A 284 30.12 1.81 19.63
C SER A 284 30.19 2.83 18.49
N ILE A 285 29.39 3.87 18.59
CA ILE A 285 29.34 4.91 17.58
C ILE A 285 30.53 5.86 17.66
N VAL A 286 30.94 6.17 18.88
CA VAL A 286 32.04 7.10 19.12
C VAL A 286 33.41 6.44 19.36
N LYS A 287 33.44 5.12 19.43
CA LYS A 287 34.70 4.41 19.66
C LYS A 287 35.74 4.77 18.60
N GLY A 288 36.87 5.30 19.04
CA GLY A 288 37.93 5.67 18.12
C GLY A 288 37.85 7.11 17.65
N SER A 289 36.93 7.88 18.22
CA SER A 289 36.74 9.27 17.87
C SER A 289 36.07 9.97 19.06
N GLU A 290 36.27 9.39 20.23
CA GLU A 290 35.69 9.89 21.46
C GLU A 290 35.83 11.40 21.70
N HIS A 291 36.99 11.96 21.39
CA HIS A 291 37.24 13.38 21.59
C HIS A 291 36.47 14.28 20.62
N VAL A 292 36.07 13.70 19.48
CA VAL A 292 35.32 14.44 18.46
C VAL A 292 33.84 14.57 18.82
N ALA A 293 33.32 13.58 19.52
CA ALA A 293 31.91 13.59 19.90
C ALA A 293 31.70 14.05 21.33
N TYR A 294 32.79 14.36 22.04
CA TYR A 294 32.69 14.82 23.42
C TYR A 294 31.71 15.98 23.50
N GLY A 295 30.89 15.98 24.55
CA GLY A 295 29.91 17.04 24.74
C GLY A 295 28.65 16.92 23.90
N ALA A 296 28.59 15.93 23.03
CA ALA A 296 27.42 15.73 22.18
C ALA A 296 26.18 15.46 23.01
N ILE A 297 25.03 15.88 22.50
CA ILE A 297 23.76 15.66 23.15
C ILE A 297 22.95 14.75 22.25
N THR A 298 22.47 13.64 22.83
CA THR A 298 21.72 12.65 22.07
C THR A 298 20.40 12.29 22.73
N LEU A 299 19.50 11.70 21.95
CA LEU A 299 18.21 11.28 22.47
C LEU A 299 18.01 9.79 22.31
N GLU A 300 17.16 9.24 23.16
CA GLU A 300 16.84 7.82 23.09
C GLU A 300 15.47 7.65 23.73
N LEU A 301 14.72 6.65 23.29
CA LEU A 301 13.40 6.43 23.85
C LEU A 301 13.55 6.19 25.35
N ALA A 302 12.61 6.73 26.13
CA ALA A 302 12.66 6.55 27.57
C ALA A 302 12.42 5.08 27.92
N SER A 303 13.38 4.47 28.60
CA SER A 303 13.24 3.06 28.97
C SER A 303 14.05 2.70 30.21
N HIS A 304 13.86 1.48 30.70
CA HIS A 304 14.59 0.98 31.87
C HIS A 304 15.01 -0.44 31.56
N PRO A 305 16.21 -0.82 32.00
CA PRO A 305 16.66 -2.19 31.74
C PRO A 305 15.77 -3.29 32.30
N VAL A 306 15.73 -4.42 31.59
CA VAL A 306 14.97 -5.60 32.00
C VAL A 306 16.02 -6.43 32.75
N ARG A 307 15.98 -6.35 34.08
CA ARG A 307 16.94 -7.04 34.93
C ARG A 307 17.14 -8.53 34.69
N GLN A 308 16.04 -9.27 34.63
CA GLN A 308 16.15 -10.70 34.42
C GLN A 308 16.84 -11.04 33.09
N PHE A 309 16.90 -10.07 32.19
CA PHE A 309 17.54 -10.29 30.90
C PHE A 309 19.06 -10.26 31.04
N ASP A 310 19.55 -9.46 31.98
CA ASP A 310 20.99 -9.37 32.22
C ASP A 310 21.52 -10.75 32.61
N ARG A 311 20.79 -11.43 33.48
CA ARG A 311 21.21 -12.75 33.93
C ARG A 311 21.27 -13.71 32.76
N TYR A 312 20.19 -13.75 31.99
CA TYR A 312 20.09 -14.62 30.82
C TYR A 312 21.23 -14.39 29.83
N PHE A 313 21.46 -13.14 29.46
CA PHE A 313 22.49 -12.84 28.47
C PHE A 313 23.91 -13.15 28.92
N GLN A 314 24.22 -12.81 30.18
CA GLN A 314 25.55 -13.05 30.71
C GLN A 314 25.84 -14.53 30.93
N SER A 315 24.80 -15.36 30.91
CA SER A 315 24.98 -16.78 31.10
C SER A 315 25.30 -17.46 29.78
N LEU A 316 25.17 -16.73 28.68
CA LEU A 316 25.42 -17.28 27.36
C LEU A 316 26.89 -17.41 26.98
N ASN A 317 27.26 -18.54 26.38
CA ASN A 317 28.62 -18.76 25.91
C ASN A 317 28.57 -19.73 24.74
N PRO A 318 29.63 -19.78 23.91
CA PRO A 318 29.67 -20.69 22.75
C PRO A 318 29.39 -22.16 23.03
N TYR A 319 29.50 -22.56 24.27
CA TYR A 319 29.24 -23.94 24.63
C TYR A 319 27.77 -24.23 24.90
N ASN A 320 27.04 -23.30 25.55
CA ASN A 320 25.63 -23.52 25.85
C ASN A 320 24.64 -22.84 24.91
N ASN A 321 25.13 -22.05 23.97
CA ASN A 321 24.22 -21.32 23.07
C ASN A 321 24.32 -21.71 21.60
N HIS A 322 23.97 -22.97 21.29
CA HIS A 322 24.03 -23.44 19.92
C HIS A 322 22.81 -23.07 19.06
N ARG A 323 21.70 -22.68 19.67
CA ARG A 323 20.53 -22.34 18.88
C ARG A 323 20.65 -21.01 18.12
N ASN A 324 21.61 -20.18 18.52
CA ASN A 324 21.87 -18.91 17.85
C ASN A 324 23.08 -19.12 16.94
N PRO A 325 22.82 -19.38 15.64
CA PRO A 325 23.90 -19.62 14.68
C PRO A 325 24.86 -18.46 14.49
N TRP A 326 24.52 -17.28 15.02
CA TRP A 326 25.38 -16.11 14.86
C TRP A 326 26.26 -15.87 16.08
N PHE A 327 26.01 -16.60 17.16
CA PHE A 327 26.76 -16.40 18.41
C PHE A 327 28.28 -16.58 18.30
N ARG A 328 28.74 -17.61 17.61
CA ARG A 328 30.19 -17.80 17.47
C ARG A 328 30.88 -16.59 16.83
N ASP A 329 30.35 -16.10 15.72
CA ASP A 329 30.96 -14.92 15.09
C ASP A 329 30.89 -13.78 16.08
N PHE A 330 29.76 -13.68 16.78
CA PHE A 330 29.59 -12.62 17.77
C PHE A 330 30.69 -12.71 18.83
N TRP A 331 30.88 -13.91 19.37
CA TRP A 331 31.89 -14.14 20.40
C TRP A 331 33.28 -13.76 19.90
N GLU A 332 33.63 -14.24 18.70
CA GLU A 332 34.95 -13.95 18.14
C GLU A 332 35.24 -12.46 17.91
N GLN A 333 34.20 -11.70 17.59
CA GLN A 333 34.39 -10.29 17.35
C GLN A 333 34.41 -9.49 18.64
N LYS A 334 33.57 -9.87 19.59
CA LYS A 334 33.52 -9.16 20.87
C LYS A 334 34.85 -9.31 21.60
N PHE A 335 35.37 -10.53 21.65
CA PHE A 335 36.62 -10.77 22.35
C PHE A 335 37.86 -10.83 21.46
N GLN A 336 37.69 -10.60 20.16
CA GLN A 336 38.83 -10.65 19.24
C GLN A 336 39.40 -12.07 19.32
N CYS A 337 38.53 -13.04 19.09
CA CYS A 337 38.85 -14.47 19.19
C CYS A 337 39.32 -15.27 18.01
N SER A 338 38.98 -16.55 18.12
CA SER A 338 39.26 -17.61 17.15
C SER A 338 39.09 -18.90 17.96
N LEU A 339 38.59 -19.94 17.30
CA LEU A 339 38.41 -21.23 17.94
C LEU A 339 38.89 -22.31 16.98
N GLN A 340 37.99 -22.83 16.16
CA GLN A 340 38.31 -23.86 15.18
C GLN A 340 37.29 -23.87 14.05
N GLN A 347 45.00 -16.22 17.10
CA GLN A 347 44.98 -16.03 18.55
C GLN A 347 43.80 -16.75 19.18
N VAL A 348 43.96 -18.04 19.50
CA VAL A 348 42.89 -18.82 20.11
C VAL A 348 42.32 -18.07 21.31
N CYS A 349 41.13 -18.49 21.76
CA CYS A 349 40.50 -17.80 22.87
C CYS A 349 40.35 -18.51 24.19
N ASP A 350 40.66 -17.76 25.25
CA ASP A 350 40.57 -18.24 26.62
C ASP A 350 39.18 -18.81 26.90
N LYS A 351 39.14 -20.09 27.22
CA LYS A 351 37.90 -20.79 27.50
C LYS A 351 37.18 -20.21 28.71
N HIS A 352 37.80 -19.23 29.36
CA HIS A 352 37.22 -18.59 30.54
C HIS A 352 36.64 -17.22 30.29
N LEU A 353 36.58 -16.79 29.03
CA LEU A 353 35.99 -15.51 28.70
C LEU A 353 34.51 -15.58 29.07
N ALA A 354 33.92 -14.44 29.38
CA ALA A 354 32.52 -14.39 29.73
C ALA A 354 31.90 -13.02 29.51
N ILE A 355 30.60 -13.02 29.22
CA ILE A 355 29.86 -11.78 29.05
C ILE A 355 29.54 -11.43 30.50
N ASP A 356 30.03 -10.29 30.99
CA ASP A 356 29.76 -9.93 32.37
C ASP A 356 29.70 -8.43 32.60
N SER A 357 29.47 -8.05 33.85
CA SER A 357 29.32 -6.65 34.23
C SER A 357 30.42 -5.69 33.82
N SER A 358 31.57 -6.22 33.40
CA SER A 358 32.65 -5.32 32.99
C SER A 358 32.77 -5.12 31.46
N ASN A 359 32.03 -5.89 30.68
CA ASN A 359 32.09 -5.78 29.22
C ASN A 359 30.72 -5.78 28.55
N TYR A 360 29.67 -5.77 29.36
CA TYR A 360 28.33 -5.79 28.84
C TYR A 360 27.40 -4.80 29.54
N GLU A 361 26.54 -4.16 28.76
CA GLU A 361 25.55 -3.23 29.28
C GLU A 361 24.32 -3.43 28.41
N GLN A 362 23.19 -3.71 29.04
CA GLN A 362 21.96 -3.94 28.32
C GLN A 362 21.66 -2.82 27.29
N GLU A 363 21.39 -3.24 26.06
CA GLU A 363 21.08 -2.32 24.99
C GLU A 363 19.84 -1.53 25.40
N SER A 364 19.86 -0.24 25.11
CA SER A 364 18.77 0.67 25.47
C SER A 364 17.34 0.23 25.15
N LYS A 365 17.11 -0.39 23.99
CA LYS A 365 15.75 -0.76 23.61
C LYS A 365 15.29 -2.19 23.90
N ILE A 366 16.07 -2.95 24.67
CA ILE A 366 15.69 -4.33 24.98
C ILE A 366 14.26 -4.46 25.48
N MET A 367 13.87 -3.54 26.36
CA MET A 367 12.54 -3.49 26.95
C MET A 367 11.45 -3.55 25.88
N PHE A 368 11.66 -2.79 24.81
CA PHE A 368 10.68 -2.74 23.72
C PHE A 368 10.57 -4.04 22.94
N VAL A 369 11.69 -4.76 22.86
CA VAL A 369 11.70 -6.03 22.16
C VAL A 369 10.90 -7.02 22.97
N VAL A 370 11.18 -7.08 24.27
CA VAL A 370 10.47 -7.98 25.17
C VAL A 370 8.98 -7.64 25.18
N ASN A 371 8.63 -6.36 25.30
CA ASN A 371 7.21 -6.02 25.31
C ASN A 371 6.51 -6.29 23.96
N ALA A 372 7.24 -6.20 22.86
CA ALA A 372 6.63 -6.46 21.56
C ALA A 372 6.23 -7.93 21.46
N VAL A 373 7.10 -8.83 21.90
CA VAL A 373 6.82 -10.25 21.88
C VAL A 373 5.65 -10.58 22.82
N TYR A 374 5.69 -10.01 24.03
CA TYR A 374 4.61 -10.28 24.96
C TYR A 374 3.26 -9.76 24.46
N ALA A 375 3.28 -8.63 23.76
CA ALA A 375 2.05 -8.07 23.21
C ALA A 375 1.45 -9.07 22.23
N MET A 376 2.29 -9.65 21.38
CA MET A 376 1.82 -10.62 20.40
C MET A 376 1.29 -11.83 21.14
N ALA A 377 2.02 -12.23 22.19
CA ALA A 377 1.61 -13.37 23.00
C ALA A 377 0.25 -13.12 23.65
N HIS A 378 0.10 -11.98 24.34
CA HIS A 378 -1.17 -11.64 24.98
C HIS A 378 -2.31 -11.59 23.97
N ALA A 379 -2.03 -11.12 22.75
CA ALA A 379 -3.08 -11.07 21.74
C ALA A 379 -3.52 -12.47 21.32
N LEU A 380 -2.57 -13.36 21.11
CA LEU A 380 -2.88 -14.73 20.71
C LEU A 380 -3.61 -15.45 21.84
N HIS A 381 -3.15 -15.23 23.06
CA HIS A 381 -3.76 -15.84 24.24
C HIS A 381 -5.24 -15.46 24.38
N LYS A 382 -5.54 -14.16 24.26
CA LYS A 382 -6.91 -13.72 24.34
C LYS A 382 -7.69 -14.37 23.22
N MET A 383 -7.11 -14.42 22.02
CA MET A 383 -7.80 -15.05 20.91
C MET A 383 -8.04 -16.53 21.20
N GLN A 384 -7.06 -17.22 21.78
CA GLN A 384 -7.26 -18.63 22.09
C GLN A 384 -8.32 -18.85 23.17
N ARG A 385 -8.41 -17.95 24.14
CA ARG A 385 -9.44 -18.09 25.17
C ARG A 385 -10.80 -17.89 24.52
N THR A 386 -10.87 -16.94 23.58
CA THR A 386 -12.13 -16.63 22.91
C THR A 386 -12.64 -17.67 21.90
N LEU A 387 -11.75 -18.24 21.11
CA LEU A 387 -12.16 -19.23 20.11
C LEU A 387 -12.07 -20.66 20.61
N CYS A 388 -11.29 -20.89 21.66
CA CYS A 388 -11.14 -22.23 22.20
C CYS A 388 -11.54 -22.28 23.68
N PRO A 389 -12.80 -21.98 23.99
CA PRO A 389 -13.31 -21.97 25.37
C PRO A 389 -13.18 -23.24 26.21
N GLN A 390 -13.05 -24.40 25.57
CA GLN A 390 -12.96 -25.67 26.29
C GLN A 390 -11.59 -26.28 26.61
N THR A 391 -10.54 -25.81 25.94
CA THR A 391 -9.18 -26.31 26.22
C THR A 391 -8.16 -25.20 26.14
N THR A 392 -6.95 -25.49 26.58
CA THR A 392 -5.86 -24.54 26.57
C THR A 392 -5.08 -24.73 25.27
N LYS A 393 -5.46 -25.76 24.52
CA LYS A 393 -4.79 -26.09 23.29
C LYS A 393 -5.35 -25.35 22.09
N LEU A 394 -4.56 -25.34 21.03
CA LEU A 394 -4.89 -24.68 19.76
C LEU A 394 -5.98 -25.53 19.13
N CYS A 395 -7.23 -25.21 19.40
CA CYS A 395 -8.35 -25.97 18.86
C CYS A 395 -8.52 -25.73 17.38
N ASP A 396 -9.32 -26.56 16.72
CA ASP A 396 -9.56 -26.43 15.28
C ASP A 396 -9.95 -25.03 14.83
N ALA A 397 -10.84 -24.38 15.59
CA ALA A 397 -11.33 -23.05 15.29
C ALA A 397 -10.20 -22.03 15.09
N MET A 398 -9.02 -22.33 15.63
CA MET A 398 -7.87 -21.46 15.49
C MET A 398 -6.78 -22.08 14.63
N LYS A 399 -7.10 -23.18 13.96
CA LYS A 399 -6.14 -23.86 13.10
C LYS A 399 -5.64 -22.87 12.05
N ILE A 400 -6.57 -22.16 11.43
CA ILE A 400 -6.22 -21.16 10.43
C ILE A 400 -6.58 -19.79 11.02
N LEU A 401 -5.56 -19.07 11.48
CA LEU A 401 -5.79 -17.77 12.10
C LEU A 401 -6.34 -16.70 11.17
N ASP A 402 -7.20 -15.84 11.74
CA ASP A 402 -7.74 -14.72 11.00
C ASP A 402 -6.81 -13.58 11.43
N GLY A 403 -5.85 -13.24 10.57
CA GLY A 403 -4.89 -12.21 10.88
C GLY A 403 -5.49 -10.82 11.07
N LYS A 404 -6.56 -10.55 10.35
CA LYS A 404 -7.24 -9.26 10.42
C LYS A 404 -7.84 -9.08 11.83
N LYS A 405 -8.50 -10.13 12.31
CA LYS A 405 -9.11 -10.09 13.64
C LYS A 405 -7.98 -9.97 14.66
N LEU A 406 -6.96 -10.80 14.49
CA LEU A 406 -5.83 -10.76 15.40
C LEU A 406 -5.30 -9.34 15.54
N TYR A 407 -5.09 -8.66 14.42
CA TYR A 407 -4.58 -7.30 14.49
C TYR A 407 -5.58 -6.38 15.19
N LYS A 408 -6.87 -6.50 14.85
CA LYS A 408 -7.93 -5.71 15.50
C LYS A 408 -8.44 -6.48 16.76
N GLU A 409 -7.49 -6.94 17.59
CA GLU A 409 -7.70 -7.72 18.84
C GLU A 409 -6.36 -7.59 19.60
N TYR A 410 -5.38 -7.08 18.87
CA TYR A 410 -4.05 -6.85 19.38
C TYR A 410 -3.92 -5.34 19.63
N LEU A 411 -4.62 -4.55 18.83
CA LEU A 411 -4.60 -3.11 18.98
C LEU A 411 -5.26 -2.68 20.29
N LEU A 412 -6.17 -3.51 20.79
CA LEU A 412 -6.89 -3.19 22.01
C LEU A 412 -6.22 -3.77 23.25
N LYS A 413 -5.12 -4.47 23.05
CA LYS A 413 -4.42 -5.09 24.15
C LYS A 413 -3.89 -4.04 25.15
N ILE A 414 -4.00 -4.35 26.43
CA ILE A 414 -3.52 -3.49 27.52
C ILE A 414 -3.11 -4.45 28.62
N GLN A 415 -1.84 -4.44 28.99
CA GLN A 415 -1.40 -5.35 30.03
C GLN A 415 -0.19 -4.79 30.77
N PHE A 416 0.10 -5.35 31.93
CA PHE A 416 1.25 -4.91 32.72
C PHE A 416 2.52 -5.48 32.11
N THR A 417 3.46 -4.59 31.81
CA THR A 417 4.74 -4.98 31.21
C THR A 417 5.31 -6.27 31.76
N ALA A 418 5.76 -7.13 30.84
CA ALA A 418 6.36 -8.42 31.20
C ALA A 418 6.97 -8.28 32.59
N PRO A 419 6.57 -9.17 33.52
CA PRO A 419 7.00 -9.23 34.92
C PRO A 419 8.30 -8.50 35.20
N PHE A 420 9.18 -8.53 34.21
CA PHE A 420 10.49 -7.93 34.25
C PHE A 420 10.50 -6.41 34.43
N ASN A 421 9.46 -5.89 35.05
CA ASN A 421 9.38 -4.46 35.30
C ASN A 421 8.81 -4.15 36.67
N PRO A 422 9.64 -3.55 37.55
CA PRO A 422 9.22 -3.20 38.91
C PRO A 422 8.07 -2.19 38.88
N ASN A 423 7.28 -2.18 39.95
CA ASN A 423 6.14 -1.28 40.09
C ASN A 423 5.14 -1.41 38.93
N LYS A 424 4.13 -0.55 38.95
CA LYS A 424 3.09 -0.52 37.92
C LYS A 424 2.52 0.89 37.93
N GLY A 425 3.09 1.74 38.78
CA GLY A 425 2.65 3.11 38.91
C GLY A 425 3.25 4.04 37.87
N ALA A 426 4.51 3.79 37.49
CA ALA A 426 5.19 4.61 36.48
C ALA A 426 4.66 4.21 35.10
N ASP A 427 3.34 4.05 35.01
CA ASP A 427 2.64 3.66 33.79
C ASP A 427 3.45 2.65 32.97
N SER A 428 3.67 1.48 33.56
CA SER A 428 4.43 0.42 32.91
C SER A 428 3.47 -0.56 32.24
N ILE A 429 2.51 -0.02 31.50
CA ILE A 429 1.55 -0.86 30.81
C ILE A 429 1.83 -0.78 29.32
N VAL A 430 1.69 -1.90 28.62
CA VAL A 430 1.92 -1.88 27.18
C VAL A 430 0.57 -1.84 26.48
N LYS A 431 0.45 -0.95 25.51
CA LYS A 431 -0.79 -0.78 24.75
C LYS A 431 -0.48 0.03 23.50
N PHE A 432 -1.49 0.23 22.66
CA PHE A 432 -1.30 0.97 21.41
C PHE A 432 -2.27 2.11 21.13
N ASP A 433 -1.75 3.10 20.41
CA ASP A 433 -2.47 4.29 19.92
C ASP A 433 -3.52 3.74 18.95
N THR A 434 -4.32 4.64 18.39
CA THR A 434 -5.30 4.25 17.38
C THR A 434 -4.46 3.98 16.12
N PHE A 435 -3.28 4.58 16.05
CA PHE A 435 -2.38 4.39 14.92
C PHE A 435 -1.44 3.21 15.14
N GLY A 436 -1.56 2.56 16.31
CA GLY A 436 -0.69 1.44 16.61
C GLY A 436 0.67 1.85 17.14
N ASP A 437 0.81 3.07 17.65
CA ASP A 437 2.09 3.55 18.16
C ASP A 437 2.20 3.52 19.68
N GLY A 438 3.43 3.60 20.17
CA GLY A 438 3.67 3.63 21.60
C GLY A 438 3.74 5.07 22.08
N MET A 439 4.06 5.27 23.37
CA MET A 439 4.14 6.61 23.96
C MET A 439 5.41 7.42 23.68
N GLY A 440 5.22 8.69 23.31
CA GLY A 440 6.34 9.57 23.02
C GLY A 440 7.12 10.11 24.20
N ARG A 441 7.93 9.27 24.83
CA ARG A 441 8.75 9.66 25.97
C ARG A 441 10.23 9.45 25.62
N TYR A 442 11.03 10.50 25.78
CA TYR A 442 12.44 10.37 25.48
C TYR A 442 13.31 10.83 26.65
N ASN A 443 14.56 10.44 26.59
CA ASN A 443 15.53 10.84 27.60
C ASN A 443 16.62 11.54 26.83
N VAL A 444 17.22 12.55 27.44
CA VAL A 444 18.29 13.28 26.79
C VAL A 444 19.60 12.86 27.43
N PHE A 445 20.62 12.62 26.61
CA PHE A 445 21.92 12.21 27.12
C PHE A 445 23.01 13.15 26.67
N ASN A 446 24.10 13.14 27.44
CA ASN A 446 25.27 13.97 27.16
C ASN A 446 26.49 13.06 27.21
N LEU A 447 27.31 13.10 26.17
CA LEU A 447 28.50 12.28 26.13
C LEU A 447 29.61 12.93 26.97
N GLN A 448 29.93 12.31 28.10
CA GLN A 448 30.96 12.85 28.99
C GLN A 448 32.16 11.93 29.02
N GLN A 449 33.15 12.25 29.85
CA GLN A 449 34.36 11.45 29.95
C GLN A 449 34.99 11.59 31.33
N THR A 450 34.40 12.43 32.16
CA THR A 450 34.86 12.69 33.52
C THR A 450 35.87 11.70 34.11
N GLY A 451 35.54 10.40 34.07
CA GLY A 451 36.44 9.41 34.62
C GLY A 451 37.39 8.75 33.64
N GLY A 452 38.05 9.55 32.80
CA GLY A 452 38.98 8.99 31.83
C GLY A 452 38.29 8.27 30.69
N LYS A 453 37.23 7.54 31.03
CA LYS A 453 36.43 6.79 30.06
C LYS A 453 35.22 7.61 29.62
N TYR A 454 34.76 7.39 28.39
CA TYR A 454 33.61 8.13 27.87
C TYR A 454 32.29 7.40 28.12
N SER A 455 31.28 8.14 28.56
CA SER A 455 29.97 7.56 28.85
C SER A 455 28.84 8.56 28.62
N TYR A 456 27.62 8.05 28.50
CA TYR A 456 26.44 8.89 28.31
C TYR A 456 25.72 9.10 29.63
N LEU A 457 25.53 10.35 30.01
CA LEU A 457 24.85 10.68 31.25
C LEU A 457 23.48 11.23 30.93
N LYS A 458 22.46 10.81 31.67
CA LYS A 458 21.13 11.32 31.42
C LYS A 458 21.10 12.75 31.97
N VAL A 459 20.85 13.72 31.11
CA VAL A 459 20.82 15.11 31.55
C VAL A 459 19.44 15.74 31.36
N GLY A 460 18.41 14.92 31.24
CA GLY A 460 17.05 15.44 31.06
C GLY A 460 16.13 14.48 30.37
N HIS A 461 14.95 14.96 29.98
CA HIS A 461 13.96 14.14 29.29
C HIS A 461 12.87 14.99 28.65
N TRP A 462 12.03 14.35 27.87
CA TRP A 462 10.94 15.04 27.19
C TRP A 462 9.68 14.18 27.26
N ALA A 463 8.61 14.74 27.80
CA ALA A 463 7.35 14.02 27.93
C ALA A 463 6.27 14.73 27.12
N GLU A 464 6.24 16.04 27.23
CA GLU A 464 5.29 16.84 26.49
C GLU A 464 5.90 18.23 26.42
N THR A 465 6.80 18.45 27.38
CA THR A 465 7.54 19.69 27.51
C THR A 465 8.97 19.28 27.85
N LEU A 466 9.94 20.07 27.41
CA LEU A 466 11.34 19.74 27.66
C LEU A 466 11.66 19.85 29.14
N SER A 467 12.68 19.11 29.57
CA SER A 467 13.09 19.11 30.96
C SER A 467 14.52 18.61 31.08
N LEU A 468 15.38 19.40 31.73
CA LEU A 468 16.78 19.01 31.91
C LEU A 468 17.53 19.96 32.83
N ASP A 469 18.38 19.41 33.70
CA ASP A 469 19.17 20.25 34.61
C ASP A 469 20.46 20.60 33.88
N VAL A 470 20.51 21.83 33.38
CA VAL A 470 21.65 22.34 32.62
C VAL A 470 23.00 22.27 33.33
N ASP A 471 22.97 22.20 34.65
CA ASP A 471 24.21 22.16 35.42
C ASP A 471 25.04 20.89 35.29
N SER A 472 24.38 19.76 35.06
CA SER A 472 25.10 18.50 34.95
C SER A 472 25.70 18.26 33.57
N ILE A 473 25.35 19.13 32.62
CA ILE A 473 25.83 18.99 31.24
C ILE A 473 27.27 19.47 31.02
N HIS A 474 28.07 18.63 30.38
CA HIS A 474 29.46 18.96 30.07
C HIS A 474 29.47 19.33 28.60
N TRP A 475 29.99 20.50 28.25
CA TRP A 475 30.02 20.90 26.85
C TRP A 475 31.35 20.68 26.17
N SER A 476 31.34 20.81 24.85
CA SER A 476 32.55 20.68 24.05
C SER A 476 33.26 22.02 24.23
N ARG A 477 34.43 21.98 24.86
CA ARG A 477 35.23 23.19 25.11
C ARG A 477 34.73 23.93 26.36
N ASN A 478 34.31 23.16 27.36
CA ASN A 478 33.81 23.67 28.65
C ASN A 478 32.93 24.92 28.60
N SER A 479 32.36 25.24 27.46
CA SER A 479 31.52 26.42 27.36
C SER A 479 30.23 26.15 26.61
N VAL A 480 29.10 26.51 27.22
CA VAL A 480 27.80 26.32 26.59
C VAL A 480 27.86 26.95 25.20
N PRO A 481 27.84 26.11 24.16
CA PRO A 481 27.91 26.51 22.75
C PRO A 481 27.08 27.72 22.35
N THR A 482 27.58 28.41 21.33
CA THR A 482 26.92 29.57 20.76
C THR A 482 26.74 29.24 19.29
N SER A 483 25.49 29.22 18.83
CA SER A 483 25.23 28.89 17.44
C SER A 483 24.18 29.84 16.88
N GLN A 484 24.63 31.03 16.50
CA GLN A 484 23.74 32.05 15.94
C GLN A 484 24.30 32.51 14.60
N CYS A 485 23.43 33.03 13.75
CA CYS A 485 23.88 33.47 12.44
C CYS A 485 24.97 34.52 12.47
N SER A 486 24.76 35.59 13.22
CA SER A 486 25.74 36.67 13.28
C SER A 486 26.26 36.96 14.69
N ASP A 487 27.37 37.72 14.75
CA ASP A 487 28.01 38.10 16.00
C ASP A 487 27.19 39.12 16.75
N PRO A 488 27.18 39.05 18.10
CA PRO A 488 26.42 40.01 18.89
C PRO A 488 26.96 41.44 18.70
N CYS A 489 26.08 42.42 18.80
CA CYS A 489 26.48 43.81 18.63
C CYS A 489 27.24 44.37 19.82
N ALA A 490 28.18 45.28 19.55
CA ALA A 490 28.94 45.91 20.62
C ALA A 490 27.91 46.70 21.41
N PRO A 491 28.13 46.83 22.72
CA PRO A 491 27.19 47.56 23.56
C PRO A 491 27.28 49.05 23.34
N ASN A 492 28.45 49.57 23.71
CA ASN A 492 28.80 50.98 23.64
C ASN A 492 28.18 51.80 22.51
N GLU A 493 27.62 51.17 21.48
CA GLU A 493 27.03 51.95 20.43
C GLU A 493 26.27 51.27 19.31
N MET A 494 26.41 49.95 19.16
CA MET A 494 25.74 49.30 18.04
C MET A 494 24.29 48.87 18.27
N LYS A 495 23.48 49.04 17.24
CA LYS A 495 22.06 48.67 17.26
C LYS A 495 21.94 47.40 16.42
N ASN A 496 20.95 46.56 16.71
CA ASN A 496 20.73 45.32 15.98
C ASN A 496 19.85 45.60 14.76
N MET A 497 20.29 45.17 13.58
CA MET A 497 19.51 45.39 12.36
C MET A 497 19.25 44.10 11.58
N GLN A 498 17.99 43.75 11.43
CA GLN A 498 17.56 42.54 10.72
C GLN A 498 17.34 42.79 9.23
N PRO A 499 18.08 42.08 8.36
CA PRO A 499 17.96 42.24 6.90
C PRO A 499 16.63 41.73 6.33
N GLY A 500 16.69 40.64 5.58
CA GLY A 500 15.48 40.09 4.98
C GLY A 500 14.92 38.89 5.74
N ASP A 501 15.80 38.16 6.42
CA ASP A 501 15.39 36.99 7.18
C ASP A 501 15.14 37.32 8.65
N VAL A 502 14.98 36.28 9.48
CA VAL A 502 14.74 36.46 10.90
C VAL A 502 15.80 35.80 11.78
N CYS A 503 16.97 35.54 11.22
CA CYS A 503 18.05 34.92 11.97
C CYS A 503 19.37 35.67 11.90
N CYS A 504 19.61 36.32 10.77
CA CYS A 504 20.85 37.07 10.59
C CYS A 504 20.62 38.57 10.73
N TRP A 505 21.67 39.30 11.08
CA TRP A 505 21.57 40.75 11.28
C TRP A 505 22.92 41.44 11.18
N ILE A 506 22.89 42.76 11.09
CA ILE A 506 24.11 43.55 11.03
C ILE A 506 24.08 44.53 12.20
N CYS A 507 25.26 44.98 12.63
CA CYS A 507 25.35 45.92 13.74
C CYS A 507 25.73 47.32 13.25
N ILE A 508 24.92 48.30 13.63
CA ILE A 508 25.14 49.69 13.23
C ILE A 508 25.52 50.56 14.42
N PRO A 509 26.75 51.07 14.44
CA PRO A 509 27.09 51.91 15.59
C PRO A 509 26.22 53.19 15.57
N CYS A 510 25.79 53.64 16.74
CA CYS A 510 24.95 54.84 16.82
C CYS A 510 25.82 56.09 16.82
N GLU A 511 25.20 57.23 16.55
CA GLU A 511 25.91 58.51 16.58
C GLU A 511 26.20 58.79 18.06
N PRO A 512 27.36 59.40 18.36
CA PRO A 512 27.69 59.69 19.76
C PRO A 512 26.62 60.38 20.60
N TYR A 513 25.65 61.02 19.95
CA TYR A 513 24.58 61.70 20.67
C TYR A 513 23.28 60.90 20.72
N GLU A 514 23.37 59.63 20.31
CA GLU A 514 22.20 58.75 20.29
C GLU A 514 22.30 57.65 21.36
N TYR A 515 21.15 57.19 21.85
CA TYR A 515 21.14 56.11 22.83
C TYR A 515 20.27 54.99 22.27
N LEU A 516 20.34 53.82 22.89
CA LEU A 516 19.57 52.67 22.44
C LEU A 516 18.22 52.57 23.13
N VAL A 517 17.19 53.14 22.52
CA VAL A 517 15.86 53.07 23.10
C VAL A 517 15.58 51.58 23.32
N ASP A 518 16.06 50.76 22.40
CA ASP A 518 15.92 49.32 22.50
C ASP A 518 17.05 48.67 21.68
N GLU A 519 17.17 47.36 21.81
CA GLU A 519 18.21 46.60 21.12
C GLU A 519 18.43 46.95 19.65
N PHE A 520 17.35 47.26 18.93
CA PHE A 520 17.47 47.55 17.51
C PHE A 520 17.27 49.00 17.07
N THR A 521 17.19 49.94 18.01
CA THR A 521 16.94 51.31 17.58
C THR A 521 17.74 52.44 18.25
N CYS A 522 18.54 53.13 17.45
CA CYS A 522 19.31 54.26 17.94
C CYS A 522 18.33 55.45 17.90
N MET A 523 18.41 56.32 18.89
CA MET A 523 17.54 57.48 18.89
C MET A 523 18.27 58.68 19.47
N ASP A 524 18.08 59.82 18.81
CA ASP A 524 18.73 61.06 19.23
C ASP A 524 18.30 61.47 20.62
N CYS A 525 19.27 61.66 21.51
CA CYS A 525 18.98 62.07 22.88
C CYS A 525 18.38 63.47 22.85
N GLY A 526 18.58 64.15 21.72
CA GLY A 526 18.04 65.49 21.58
C GLY A 526 18.94 66.59 22.07
N PRO A 527 18.61 67.86 21.77
CA PRO A 527 19.41 69.01 22.18
C PRO A 527 19.53 69.13 23.70
N GLY A 528 20.71 69.55 24.15
CA GLY A 528 20.95 69.71 25.58
C GLY A 528 21.17 68.40 26.33
N GLN A 529 20.94 67.28 25.64
CA GLN A 529 21.11 65.97 26.25
C GLN A 529 22.19 65.14 25.58
N TRP A 530 22.51 64.01 26.19
CA TRP A 530 23.55 63.13 25.68
C TRP A 530 23.30 61.75 26.28
N PRO A 531 23.72 60.68 25.59
CA PRO A 531 23.52 59.32 26.11
C PRO A 531 24.31 58.95 27.36
N THR A 532 23.71 58.13 28.23
CA THR A 532 24.37 57.68 29.46
C THR A 532 25.51 56.73 29.09
N ALA A 533 26.52 56.62 29.94
CA ALA A 533 27.65 55.74 29.65
C ALA A 533 27.20 54.36 29.20
N ASP A 534 26.07 53.90 29.72
CA ASP A 534 25.57 52.58 29.39
C ASP A 534 24.61 52.59 28.19
N LEU A 535 24.29 53.78 27.70
CA LEU A 535 23.42 53.98 26.55
C LEU A 535 21.97 53.58 26.72
N SER A 536 21.53 53.42 27.96
CA SER A 536 20.14 53.04 28.21
C SER A 536 19.25 54.27 28.25
N GLY A 537 19.84 55.43 28.49
CA GLY A 537 19.07 56.66 28.55
C GLY A 537 19.87 57.91 28.20
N CYS A 538 19.35 59.06 28.59
CA CYS A 538 19.99 60.34 28.32
C CYS A 538 20.10 61.18 29.57
N TYR A 539 21.22 61.88 29.71
CA TYR A 539 21.42 62.77 30.84
C TYR A 539 21.66 64.17 30.29
N ASN A 540 21.45 65.19 31.11
CA ASN A 540 21.64 66.55 30.68
C ASN A 540 23.11 66.96 30.58
N LEU A 541 23.40 67.83 29.62
CA LEU A 541 24.76 68.32 29.41
C LEU A 541 24.94 69.59 30.25
N PRO A 542 26.15 69.81 30.76
CA PRO A 542 26.46 71.01 31.56
C PRO A 542 26.85 72.20 30.69
N GLU A 543 27.54 73.16 31.28
CA GLU A 543 28.01 74.37 30.58
C GLU A 543 26.90 75.33 30.15
N PHE B 4 -3.09 -32.09 -4.76
CA PHE B 4 -1.79 -32.79 -4.98
C PHE B 4 -1.06 -32.20 -6.19
N MET B 5 -1.81 -31.83 -7.22
CA MET B 5 -1.23 -31.25 -8.43
C MET B 5 -1.76 -29.84 -8.72
N ARG B 6 -0.83 -28.88 -8.79
CA ARG B 6 -1.17 -27.49 -9.09
C ARG B 6 -0.54 -27.20 -10.45
N ARG B 7 -1.40 -27.08 -11.46
CA ARG B 7 -0.97 -26.85 -12.84
C ARG B 7 -0.42 -25.47 -13.20
N GLU B 8 0.38 -25.43 -14.27
CA GLU B 8 0.99 -24.19 -14.74
C GLU B 8 1.68 -24.43 -16.06
N ILE B 9 1.89 -23.36 -16.82
CA ILE B 9 2.56 -23.45 -18.11
C ILE B 9 3.94 -22.81 -17.97
N LYS B 10 4.97 -23.57 -18.29
CA LYS B 10 6.36 -23.11 -18.22
C LYS B 10 7.06 -23.30 -19.55
N ILE B 11 7.33 -22.21 -20.23
CA ILE B 11 8.03 -22.27 -21.51
C ILE B 11 9.25 -21.37 -21.38
N GLU B 12 10.43 -21.93 -21.56
CA GLU B 12 11.66 -21.16 -21.43
C GLU B 12 11.90 -20.19 -22.58
N GLY B 13 12.72 -19.18 -22.31
CA GLY B 13 13.05 -18.19 -23.31
C GLY B 13 14.15 -17.26 -22.82
N ASP B 14 14.63 -16.39 -23.69
CA ASP B 14 15.67 -15.45 -23.30
C ASP B 14 15.06 -14.47 -22.28
N LEU B 15 13.77 -14.21 -22.46
CA LEU B 15 13.03 -13.33 -21.56
C LEU B 15 11.71 -14.04 -21.28
N VAL B 16 11.26 -14.06 -20.03
CA VAL B 16 10.00 -14.72 -19.70
C VAL B 16 8.91 -13.77 -19.20
N LEU B 17 7.69 -13.95 -19.69
CA LEU B 17 6.57 -13.15 -19.24
C LEU B 17 5.65 -14.02 -18.37
N GLY B 18 5.30 -13.49 -17.21
CA GLY B 18 4.39 -14.20 -16.35
C GLY B 18 2.98 -13.91 -16.83
N GLY B 19 2.05 -14.82 -16.54
CA GLY B 19 0.66 -14.63 -16.95
C GLY B 19 -0.29 -15.07 -15.86
N LEU B 20 -1.44 -14.43 -15.78
CA LEU B 20 -2.45 -14.75 -14.77
C LEU B 20 -3.84 -14.66 -15.41
N PHE B 21 -4.59 -15.76 -15.37
CA PHE B 21 -5.92 -15.80 -15.94
C PHE B 21 -6.85 -16.62 -15.06
N PRO B 22 -8.13 -16.22 -15.00
CA PRO B 22 -9.08 -16.96 -14.17
C PRO B 22 -9.49 -18.19 -14.96
N ILE B 23 -8.53 -19.08 -15.22
CA ILE B 23 -8.76 -20.31 -15.97
C ILE B 23 -9.94 -21.06 -15.35
N ASN B 24 -9.93 -21.14 -14.04
CA ASN B 24 -10.99 -21.80 -13.30
C ASN B 24 -11.81 -20.78 -12.53
N GLU B 25 -13.07 -21.15 -12.30
CA GLU B 25 -14.01 -20.32 -11.56
C GLU B 25 -13.63 -20.49 -10.09
N LYS B 26 -14.16 -19.63 -9.22
CA LYS B 26 -13.88 -19.73 -7.80
C LYS B 26 -14.35 -21.08 -7.27
N GLY B 27 -13.62 -21.64 -6.31
CA GLY B 27 -14.01 -22.92 -5.74
C GLY B 27 -15.12 -22.67 -4.72
N THR B 28 -16.04 -23.63 -4.57
CA THR B 28 -17.13 -23.48 -3.61
C THR B 28 -16.83 -24.18 -2.28
N GLY B 29 -16.97 -23.45 -1.18
CA GLY B 29 -16.70 -24.03 0.12
C GLY B 29 -15.22 -24.19 0.44
N THR B 30 -14.79 -25.43 0.66
CA THR B 30 -13.39 -25.71 0.99
C THR B 30 -12.43 -25.78 -0.21
N GLU B 31 -12.97 -26.09 -1.39
CA GLU B 31 -12.14 -26.18 -2.59
C GLU B 31 -11.80 -24.76 -3.09
N GLU B 32 -10.57 -24.60 -3.58
CA GLU B 32 -10.09 -23.31 -4.07
C GLU B 32 -10.46 -22.99 -5.51
N CYS B 33 -10.58 -24.02 -6.33
CA CYS B 33 -10.92 -23.83 -7.73
C CYS B 33 -12.11 -24.70 -8.09
N GLY B 34 -12.91 -24.25 -9.05
CA GLY B 34 -14.08 -25.01 -9.46
C GLY B 34 -14.07 -25.40 -10.92
N ARG B 35 -15.16 -25.08 -11.63
CA ARG B 35 -15.30 -25.39 -13.05
C ARG B 35 -14.42 -24.50 -13.92
N ILE B 36 -14.21 -24.93 -15.16
CA ILE B 36 -13.39 -24.20 -16.11
C ILE B 36 -14.15 -22.96 -16.57
N ASN B 37 -13.42 -21.85 -16.74
CA ASN B 37 -14.00 -20.60 -17.22
C ASN B 37 -13.63 -20.64 -18.70
N GLU B 38 -14.57 -21.08 -19.51
CA GLU B 38 -14.33 -21.27 -20.94
C GLU B 38 -13.87 -20.08 -21.76
N ASP B 39 -14.66 -19.01 -21.75
CA ASP B 39 -14.35 -17.83 -22.54
C ASP B 39 -13.35 -16.85 -21.93
N ARG B 40 -13.59 -16.45 -20.70
CA ARG B 40 -12.70 -15.52 -20.03
C ARG B 40 -11.50 -16.22 -19.38
N GLY B 41 -11.45 -17.54 -19.49
CA GLY B 41 -10.35 -18.27 -18.89
C GLY B 41 -9.47 -18.89 -19.95
N ILE B 42 -9.94 -20.00 -20.51
CA ILE B 42 -9.22 -20.72 -21.54
C ILE B 42 -8.89 -19.84 -22.76
N GLN B 43 -9.88 -19.15 -23.30
CA GLN B 43 -9.64 -18.30 -24.46
C GLN B 43 -8.57 -17.24 -24.22
N ARG B 44 -8.66 -16.53 -23.10
CA ARG B 44 -7.68 -15.48 -22.80
C ARG B 44 -6.30 -16.08 -22.61
N LEU B 45 -6.25 -17.28 -22.06
CA LEU B 45 -4.99 -17.96 -21.86
C LEU B 45 -4.35 -18.24 -23.22
N GLU B 46 -5.10 -18.89 -24.10
CA GLU B 46 -4.59 -19.23 -25.42
C GLU B 46 -4.31 -17.98 -26.25
N ALA B 47 -4.97 -16.87 -25.94
CA ALA B 47 -4.71 -15.64 -26.69
C ALA B 47 -3.30 -15.12 -26.35
N MET B 48 -2.84 -15.40 -25.13
CA MET B 48 -1.49 -14.97 -24.73
C MET B 48 -0.47 -15.89 -25.43
N LEU B 49 -0.78 -17.19 -25.46
CA LEU B 49 0.07 -18.16 -26.10
C LEU B 49 0.13 -17.82 -27.59
N PHE B 50 -1.03 -17.42 -28.13
CA PHE B 50 -1.12 -17.04 -29.52
C PHE B 50 -0.20 -15.84 -29.80
N ALA B 51 -0.27 -14.83 -28.93
CA ALA B 51 0.55 -13.63 -29.10
C ALA B 51 2.05 -13.94 -29.02
N ILE B 52 2.44 -14.75 -28.04
CA ILE B 52 3.86 -15.11 -27.87
C ILE B 52 4.36 -15.86 -29.13
N ASP B 53 3.57 -16.80 -29.64
CA ASP B 53 3.96 -17.54 -30.85
C ASP B 53 4.18 -16.55 -31.99
N GLU B 54 3.21 -15.66 -32.23
CA GLU B 54 3.32 -14.69 -33.30
C GLU B 54 4.56 -13.82 -33.12
N ILE B 55 4.80 -13.34 -31.91
CA ILE B 55 5.95 -12.51 -31.62
C ILE B 55 7.25 -13.27 -31.85
N ASN B 56 7.26 -14.56 -31.53
CA ASN B 56 8.46 -15.37 -31.73
C ASN B 56 8.70 -15.75 -33.21
N LYS B 57 7.80 -15.32 -34.09
CA LYS B 57 7.91 -15.56 -35.54
C LYS B 57 8.01 -14.20 -36.23
N ASP B 58 8.03 -13.12 -35.45
CA ASP B 58 8.12 -11.77 -36.00
C ASP B 58 9.57 -11.29 -36.01
N ASN B 59 10.10 -11.04 -37.21
CA ASN B 59 11.49 -10.59 -37.36
C ASN B 59 11.72 -9.11 -37.08
N TYR B 60 10.66 -8.35 -36.85
CA TYR B 60 10.79 -6.92 -36.59
C TYR B 60 10.52 -6.56 -35.13
N LEU B 61 10.13 -7.56 -34.35
CA LEU B 61 9.85 -7.35 -32.95
C LEU B 61 10.56 -8.44 -32.15
N LEU B 62 11.55 -8.02 -31.37
CA LEU B 62 12.30 -8.98 -30.57
C LEU B 62 12.94 -10.08 -31.42
N PRO B 63 13.48 -9.74 -32.60
CA PRO B 63 14.11 -10.80 -33.38
C PRO B 63 15.36 -11.10 -32.55
N GLY B 64 15.78 -12.36 -32.46
CA GLY B 64 16.96 -12.61 -31.64
C GLY B 64 16.69 -12.77 -30.15
N VAL B 65 15.47 -12.50 -29.71
CA VAL B 65 15.13 -12.70 -28.30
C VAL B 65 13.83 -13.46 -28.20
N LYS B 66 13.94 -14.73 -27.86
CA LYS B 66 12.75 -15.57 -27.73
C LYS B 66 12.03 -15.32 -26.41
N LEU B 67 10.71 -15.10 -26.48
CA LEU B 67 9.91 -14.87 -25.29
C LEU B 67 9.34 -16.19 -24.76
N GLY B 68 9.51 -16.40 -23.45
CA GLY B 68 8.98 -17.60 -22.83
C GLY B 68 7.83 -17.13 -21.97
N VAL B 69 7.20 -18.04 -21.23
CA VAL B 69 6.08 -17.66 -20.37
C VAL B 69 5.99 -18.52 -19.11
N HIS B 70 5.30 -17.99 -18.12
CA HIS B 70 5.05 -18.72 -16.89
C HIS B 70 3.63 -18.27 -16.56
N ILE B 71 2.66 -19.03 -17.06
CA ILE B 71 1.27 -18.71 -16.87
C ILE B 71 0.67 -19.50 -15.71
N LEU B 72 -0.06 -18.80 -14.85
CA LEU B 72 -0.67 -19.43 -13.70
C LEU B 72 -2.17 -19.12 -13.66
N ASP B 73 -2.87 -19.91 -12.87
CA ASP B 73 -4.32 -19.83 -12.68
C ASP B 73 -4.64 -18.96 -11.47
N THR B 74 -5.62 -18.10 -11.55
CA THR B 74 -5.97 -17.28 -10.39
C THR B 74 -7.19 -17.85 -9.67
N CYS B 75 -7.90 -18.75 -10.34
CA CYS B 75 -9.11 -19.38 -9.82
C CYS B 75 -10.10 -18.31 -9.38
N SER B 76 -10.02 -17.16 -10.04
CA SER B 76 -10.91 -16.05 -9.79
C SER B 76 -10.87 -15.51 -8.36
N ARG B 77 -9.79 -15.75 -7.64
CA ARG B 77 -9.68 -15.26 -6.28
C ARG B 77 -8.39 -14.51 -6.02
N ASP B 78 -8.49 -13.29 -5.51
CA ASP B 78 -7.30 -12.51 -5.25
C ASP B 78 -6.27 -13.23 -4.37
N THR B 79 -6.71 -13.85 -3.27
CA THR B 79 -5.78 -14.54 -2.38
C THR B 79 -5.00 -15.64 -3.10
N TYR B 80 -5.69 -16.42 -3.90
CA TYR B 80 -5.03 -17.50 -4.64
C TYR B 80 -4.06 -16.91 -5.66
N ALA B 81 -4.51 -15.88 -6.36
CA ALA B 81 -3.68 -15.23 -7.37
C ALA B 81 -2.42 -14.74 -6.68
N LEU B 82 -2.62 -14.14 -5.52
CA LEU B 82 -1.52 -13.62 -4.73
C LEU B 82 -0.53 -14.72 -4.38
N GLU B 83 -1.02 -15.85 -3.87
CA GLU B 83 -0.11 -16.96 -3.50
C GLU B 83 0.65 -17.47 -4.73
N GLN B 84 -0.03 -17.53 -5.87
CA GLN B 84 0.58 -17.99 -7.11
C GLN B 84 1.67 -17.02 -7.56
N SER B 85 1.39 -15.73 -7.47
CA SER B 85 2.35 -14.73 -7.90
C SER B 85 3.67 -14.77 -7.16
N LEU B 86 3.68 -15.34 -5.96
CA LEU B 86 4.90 -15.44 -5.17
C LEU B 86 5.96 -16.13 -6.05
N GLU B 87 5.47 -16.99 -6.94
CA GLU B 87 6.28 -17.75 -7.89
C GLU B 87 7.10 -16.81 -8.77
N PHE B 88 6.54 -15.65 -9.08
CA PHE B 88 7.20 -14.66 -9.92
C PHE B 88 8.34 -13.91 -9.22
N VAL B 89 8.22 -13.69 -7.92
CA VAL B 89 9.26 -12.96 -7.22
C VAL B 89 10.40 -13.85 -6.71
N ARG B 90 10.09 -15.11 -6.38
CA ARG B 90 11.14 -16.02 -5.91
C ARG B 90 12.15 -16.21 -7.05
N ALA B 91 11.65 -16.08 -8.27
CA ALA B 91 12.46 -16.23 -9.47
C ALA B 91 13.61 -15.24 -9.55
N SER B 92 13.39 -14.04 -9.01
CA SER B 92 14.42 -13.00 -9.04
C SER B 92 15.43 -13.18 -7.90
N LEU B 93 15.63 -14.42 -7.48
CA LEU B 93 16.58 -14.73 -6.41
C LEU B 93 17.63 -15.75 -6.84
N ILE B 114 15.27 -24.23 -12.02
CA ILE B 114 13.84 -24.54 -12.03
C ILE B 114 12.98 -23.27 -12.16
N PRO B 115 13.29 -22.21 -11.38
CA PRO B 115 12.53 -20.96 -11.43
C PRO B 115 12.94 -20.05 -12.59
N LEU B 116 11.93 -19.51 -13.30
CA LEU B 116 12.15 -18.63 -14.45
C LEU B 116 12.09 -17.14 -14.10
N LEU B 117 13.10 -16.38 -14.50
CA LEU B 117 13.13 -14.94 -14.21
C LEU B 117 12.02 -14.22 -14.97
N ILE B 118 11.19 -13.46 -14.25
CA ILE B 118 10.09 -12.76 -14.86
C ILE B 118 10.39 -11.31 -15.24
N ALA B 119 10.34 -11.04 -16.53
CA ALA B 119 10.60 -9.70 -17.02
C ALA B 119 9.38 -8.81 -16.76
N GLY B 120 8.20 -9.41 -16.81
CA GLY B 120 6.97 -8.65 -16.59
C GLY B 120 5.79 -9.60 -16.48
N VAL B 121 4.68 -9.12 -15.92
CA VAL B 121 3.51 -9.97 -15.77
C VAL B 121 2.31 -9.50 -16.55
N ILE B 122 1.66 -10.43 -17.24
CA ILE B 122 0.48 -10.08 -18.01
C ILE B 122 -0.72 -10.56 -17.25
N GLY B 123 -1.53 -9.65 -16.76
CA GLY B 123 -2.67 -10.20 -16.12
C GLY B 123 -3.39 -9.61 -14.95
N GLY B 124 -4.37 -10.44 -14.61
CA GLY B 124 -5.33 -10.18 -13.59
C GLY B 124 -6.51 -9.85 -14.49
N SER B 125 -7.64 -10.50 -14.27
CA SER B 125 -8.83 -10.17 -15.03
C SER B 125 -9.61 -9.36 -13.98
N TYR B 126 -9.96 -10.03 -12.88
CA TYR B 126 -10.69 -9.36 -11.80
C TYR B 126 -9.82 -8.29 -11.15
N SER B 127 -10.38 -7.09 -10.98
CA SER B 127 -9.62 -6.01 -10.36
C SER B 127 -9.02 -6.40 -9.00
N SER B 128 -9.76 -7.19 -8.21
CA SER B 128 -9.27 -7.58 -6.91
C SER B 128 -7.95 -8.33 -7.03
N VAL B 129 -7.84 -9.24 -7.99
CA VAL B 129 -6.59 -9.95 -8.12
C VAL B 129 -5.50 -9.03 -8.69
N SER B 130 -5.83 -8.19 -9.68
CA SER B 130 -4.81 -7.29 -10.25
C SER B 130 -4.21 -6.38 -9.20
N ILE B 131 -5.07 -5.86 -8.32
CA ILE B 131 -4.63 -4.95 -7.26
C ILE B 131 -3.70 -5.65 -6.24
N GLN B 132 -4.13 -6.80 -5.72
CA GLN B 132 -3.31 -7.51 -4.74
C GLN B 132 -1.98 -7.94 -5.39
N VAL B 133 -2.06 -8.44 -6.62
CA VAL B 133 -0.86 -8.85 -7.33
C VAL B 133 0.02 -7.62 -7.54
N ALA B 134 -0.59 -6.48 -7.84
CA ALA B 134 0.20 -5.29 -8.06
C ALA B 134 0.92 -4.87 -6.79
N ASN B 135 0.29 -5.08 -5.63
CA ASN B 135 0.91 -4.70 -4.37
C ASN B 135 2.14 -5.53 -4.11
N LEU B 136 2.16 -6.76 -4.63
CA LEU B 136 3.29 -7.66 -4.48
C LEU B 136 4.41 -7.34 -5.47
N LEU B 137 4.03 -7.28 -6.74
CA LEU B 137 4.95 -7.02 -7.83
C LEU B 137 5.78 -5.75 -7.73
N ARG B 138 5.16 -4.66 -7.26
CA ARG B 138 5.88 -3.39 -7.13
C ARG B 138 7.06 -3.52 -6.17
N LEU B 139 6.95 -4.39 -5.16
CA LEU B 139 8.02 -4.59 -4.20
C LEU B 139 9.30 -5.10 -4.84
N PHE B 140 9.18 -5.75 -6.00
CA PHE B 140 10.35 -6.25 -6.69
C PHE B 140 10.49 -5.66 -8.08
N GLN B 141 9.91 -4.47 -8.27
CA GLN B 141 9.98 -3.75 -9.54
C GLN B 141 9.63 -4.59 -10.75
N ILE B 142 8.51 -5.30 -10.70
CA ILE B 142 8.11 -6.11 -11.84
C ILE B 142 6.92 -5.48 -12.53
N PRO B 143 7.13 -5.00 -13.76
CA PRO B 143 6.01 -4.38 -14.46
C PRO B 143 4.87 -5.35 -14.71
N GLN B 144 3.66 -4.82 -14.72
CA GLN B 144 2.46 -5.61 -14.88
C GLN B 144 1.46 -4.87 -15.78
N ILE B 145 0.82 -5.62 -16.67
CA ILE B 145 -0.17 -5.05 -17.59
C ILE B 145 -1.41 -5.91 -17.55
N SER B 146 -2.53 -5.33 -17.12
CA SER B 146 -3.76 -6.09 -17.09
C SER B 146 -4.54 -5.83 -18.38
N TYR B 147 -5.24 -6.86 -18.84
CA TYR B 147 -6.04 -6.79 -20.05
C TYR B 147 -7.56 -6.71 -19.76
N ALA B 148 -7.95 -6.56 -18.49
CA ALA B 148 -9.38 -6.50 -18.17
C ALA B 148 -9.76 -5.78 -16.88
N SER B 149 -8.80 -5.60 -15.97
CA SER B 149 -9.11 -4.95 -14.70
C SER B 149 -9.42 -3.49 -14.90
N THR B 150 -10.67 -3.11 -14.64
CA THR B 150 -11.10 -1.74 -14.83
C THR B 150 -11.29 -0.85 -13.59
N SER B 151 -10.96 -1.33 -12.40
CA SER B 151 -11.16 -0.48 -11.23
C SER B 151 -10.38 0.83 -11.28
N ALA B 152 -11.05 1.93 -10.97
CA ALA B 152 -10.43 3.25 -10.98
C ALA B 152 -9.27 3.35 -9.99
N LYS B 153 -9.28 2.53 -8.94
CA LYS B 153 -8.19 2.59 -7.97
C LYS B 153 -6.85 2.39 -8.66
N LEU B 154 -6.82 1.46 -9.61
CA LEU B 154 -5.59 1.14 -10.34
C LEU B 154 -4.97 2.30 -11.11
N SER B 155 -5.64 3.43 -11.16
CA SER B 155 -5.10 4.60 -11.86
C SER B 155 -4.19 5.43 -10.94
N ASP B 156 -4.13 5.05 -9.66
CA ASP B 156 -3.31 5.75 -8.68
C ASP B 156 -1.85 5.28 -8.71
N LYS B 157 -1.00 6.01 -9.42
CA LYS B 157 0.41 5.65 -9.53
C LYS B 157 1.24 5.80 -8.25
N SER B 158 0.62 6.18 -7.14
CA SER B 158 1.35 6.32 -5.88
C SER B 158 1.23 5.03 -5.09
N ARG B 159 0.31 4.17 -5.53
CA ARG B 159 0.11 2.88 -4.89
C ARG B 159 0.44 1.78 -5.88
N TYR B 160 0.03 1.97 -7.13
CA TYR B 160 0.28 0.97 -8.17
C TYR B 160 1.25 1.49 -9.21
N ASP B 161 2.47 1.79 -8.78
CA ASP B 161 3.47 2.37 -9.66
C ASP B 161 4.14 1.44 -10.67
N TYR B 162 3.76 0.17 -10.72
CA TYR B 162 4.34 -0.73 -11.71
C TYR B 162 3.24 -1.38 -12.52
N PHE B 163 2.06 -0.76 -12.47
CA PHE B 163 0.89 -1.28 -13.15
C PHE B 163 0.37 -0.39 -14.25
N ALA B 164 0.00 -1.03 -15.35
CA ALA B 164 -0.57 -0.37 -16.50
C ALA B 164 -1.62 -1.35 -17.00
N ARG B 165 -2.45 -0.92 -17.94
CA ARG B 165 -3.50 -1.80 -18.45
C ARG B 165 -3.91 -1.27 -19.83
N THR B 166 -4.38 -2.17 -20.70
CA THR B 166 -4.84 -1.82 -22.03
C THR B 166 -6.35 -1.45 -22.04
N VAL B 167 -6.96 -1.31 -20.86
CA VAL B 167 -8.39 -0.98 -20.77
C VAL B 167 -8.56 0.26 -19.90
N PRO B 168 -9.73 0.93 -19.98
CA PRO B 168 -9.99 2.15 -19.19
C PRO B 168 -10.53 1.96 -17.78
N PRO B 169 -10.47 3.00 -16.94
CA PRO B 169 -10.95 2.98 -15.55
C PRO B 169 -12.47 3.15 -15.55
N ASP B 170 -13.15 2.47 -14.64
CA ASP B 170 -14.60 2.53 -14.57
C ASP B 170 -15.16 3.92 -14.27
N PHE B 171 -14.26 4.88 -14.09
CA PHE B 171 -14.62 6.26 -13.86
C PHE B 171 -15.53 6.63 -15.03
N TYR B 172 -15.19 6.14 -16.22
CA TYR B 172 -15.97 6.41 -17.41
C TYR B 172 -17.17 5.48 -17.59
N GLN B 173 -16.97 4.18 -17.39
CA GLN B 173 -18.06 3.22 -17.56
C GLN B 173 -19.26 3.62 -16.72
N ALA B 174 -19.01 4.08 -15.50
CA ALA B 174 -20.07 4.52 -14.59
C ALA B 174 -20.83 5.69 -15.19
N LYS B 175 -20.14 6.54 -15.94
CA LYS B 175 -20.79 7.69 -16.58
C LYS B 175 -21.68 7.21 -17.70
N ALA B 176 -21.20 6.25 -18.49
CA ALA B 176 -21.97 5.70 -19.60
C ALA B 176 -23.28 5.14 -19.10
N MET B 177 -23.23 4.43 -17.97
CA MET B 177 -24.42 3.83 -17.39
C MET B 177 -25.39 4.90 -16.88
N ALA B 178 -24.89 5.88 -16.13
CA ALA B 178 -25.74 6.92 -15.59
C ALA B 178 -26.37 7.76 -16.72
N GLU B 179 -25.65 7.95 -17.82
CA GLU B 179 -26.18 8.71 -18.94
C GLU B 179 -27.24 7.93 -19.70
N ILE B 180 -27.21 6.61 -19.62
CA ILE B 180 -28.21 5.81 -20.31
C ILE B 180 -29.51 5.93 -19.51
N LEU B 181 -29.41 5.86 -18.18
CA LEU B 181 -30.57 5.98 -17.32
C LEU B 181 -31.19 7.36 -17.49
N ARG B 182 -30.34 8.39 -17.48
CA ARG B 182 -30.80 9.76 -17.62
C ARG B 182 -31.52 9.97 -18.96
N PHE B 183 -31.11 9.21 -19.97
CA PHE B 183 -31.72 9.31 -21.29
C PHE B 183 -33.17 8.86 -21.26
N PHE B 184 -33.42 7.63 -20.79
CA PHE B 184 -34.78 7.10 -20.72
C PHE B 184 -35.50 7.58 -19.46
N ASN B 185 -34.96 8.63 -18.85
CA ASN B 185 -35.53 9.21 -17.64
C ASN B 185 -35.78 8.23 -16.50
N TRP B 186 -34.92 7.22 -16.36
CA TRP B 186 -35.06 6.27 -15.26
C TRP B 186 -34.47 6.95 -14.02
N THR B 187 -35.32 7.70 -13.32
CA THR B 187 -34.92 8.45 -12.14
C THR B 187 -35.04 7.70 -10.82
N TYR B 188 -35.60 6.50 -10.87
CA TYR B 188 -35.77 5.69 -9.66
C TYR B 188 -35.32 4.28 -9.99
N VAL B 189 -34.12 3.93 -9.52
CA VAL B 189 -33.57 2.61 -9.78
C VAL B 189 -32.92 1.99 -8.55
N SER B 190 -32.72 0.69 -8.62
CA SER B 190 -32.07 -0.03 -7.54
C SER B 190 -30.70 -0.45 -8.08
N THR B 191 -29.72 -0.58 -7.19
CA THR B 191 -28.38 -1.00 -7.60
C THR B 191 -27.91 -2.15 -6.74
N VAL B 192 -27.11 -3.02 -7.33
CA VAL B 192 -26.53 -4.13 -6.62
C VAL B 192 -25.11 -4.30 -7.13
N ALA B 193 -24.16 -4.16 -6.20
CA ALA B 193 -22.74 -4.24 -6.51
C ALA B 193 -22.09 -5.43 -5.80
N SER B 194 -21.02 -5.94 -6.41
CA SER B 194 -20.26 -7.03 -5.81
C SER B 194 -19.28 -6.42 -4.82
N GLU B 195 -19.05 -7.13 -3.72
CA GLU B 195 -18.09 -6.67 -2.73
C GLU B 195 -16.75 -6.81 -3.44
N GLY B 196 -15.83 -5.88 -3.17
CA GLY B 196 -14.55 -5.95 -3.81
C GLY B 196 -14.19 -4.61 -4.40
N ASP B 197 -13.03 -4.52 -5.02
CA ASP B 197 -12.58 -3.27 -5.61
C ASP B 197 -13.25 -2.96 -6.93
N TYR B 198 -13.87 -3.97 -7.54
CA TYR B 198 -14.55 -3.76 -8.81
C TYR B 198 -15.96 -3.23 -8.57
N GLY B 199 -16.76 -4.02 -7.85
CA GLY B 199 -18.13 -3.64 -7.58
C GLY B 199 -18.32 -2.38 -6.75
N GLU B 200 -17.65 -2.30 -5.61
CA GLU B 200 -17.81 -1.14 -4.75
C GLU B 200 -17.32 0.19 -5.34
N THR B 201 -16.11 0.24 -5.88
CA THR B 201 -15.63 1.50 -6.43
C THR B 201 -16.42 1.85 -7.70
N GLY B 202 -16.79 0.83 -8.46
CA GLY B 202 -17.56 1.05 -9.67
C GLY B 202 -18.95 1.58 -9.36
N ILE B 203 -19.58 1.02 -8.34
CA ILE B 203 -20.91 1.46 -7.95
C ILE B 203 -20.83 2.82 -7.28
N GLU B 204 -19.70 3.11 -6.63
CA GLU B 204 -19.53 4.42 -5.99
C GLU B 204 -19.49 5.47 -7.07
N ALA B 205 -18.83 5.17 -8.18
CA ALA B 205 -18.74 6.11 -9.27
C ALA B 205 -20.15 6.36 -9.82
N PHE B 206 -20.90 5.29 -10.04
CA PHE B 206 -22.26 5.41 -10.56
C PHE B 206 -23.15 6.29 -9.67
N GLU B 207 -23.15 6.03 -8.38
CA GLU B 207 -23.96 6.80 -7.45
C GLU B 207 -23.70 8.31 -7.61
N GLN B 208 -22.44 8.69 -7.74
CA GLN B 208 -22.09 10.10 -7.90
C GLN B 208 -22.63 10.62 -9.22
N GLU B 209 -22.45 9.86 -10.28
CA GLU B 209 -22.92 10.27 -11.59
C GLU B 209 -24.45 10.33 -11.58
N ALA B 210 -25.06 9.54 -10.71
CA ALA B 210 -26.51 9.53 -10.60
C ALA B 210 -27.03 10.81 -9.95
N ARG B 211 -26.47 11.17 -8.80
CA ARG B 211 -26.87 12.39 -8.10
C ARG B 211 -26.85 13.58 -9.04
N LEU B 212 -25.74 13.75 -9.73
CA LEU B 212 -25.57 14.86 -10.66
C LEU B 212 -26.65 14.95 -11.73
N ARG B 213 -27.20 13.81 -12.13
CA ARG B 213 -28.23 13.77 -13.17
C ARG B 213 -29.61 13.50 -12.57
N ASN B 214 -29.78 13.88 -11.31
CA ASN B 214 -31.02 13.70 -10.57
C ASN B 214 -31.66 12.33 -10.72
N ILE B 215 -30.89 11.29 -10.41
CA ILE B 215 -31.37 9.92 -10.46
C ILE B 215 -31.27 9.40 -9.04
N CYS B 216 -32.39 8.96 -8.49
CA CYS B 216 -32.43 8.44 -7.12
C CYS B 216 -32.27 6.93 -7.08
N ILE B 217 -31.70 6.46 -5.98
CA ILE B 217 -31.47 5.04 -5.80
C ILE B 217 -32.48 4.50 -4.78
N ALA B 218 -33.34 3.60 -5.23
CA ALA B 218 -34.37 3.00 -4.40
C ALA B 218 -33.77 2.18 -3.28
N THR B 219 -32.91 1.24 -3.63
CA THR B 219 -32.25 0.40 -2.63
C THR B 219 -30.89 -0.06 -3.15
N ALA B 220 -29.85 0.16 -2.36
CA ALA B 220 -28.49 -0.22 -2.75
C ALA B 220 -28.07 -1.54 -2.09
N GLU B 221 -28.12 -2.62 -2.86
CA GLU B 221 -27.74 -3.95 -2.36
C GLU B 221 -26.32 -4.32 -2.78
N LYS B 222 -25.78 -5.35 -2.15
CA LYS B 222 -24.44 -5.83 -2.49
C LYS B 222 -24.17 -7.23 -1.96
N VAL B 223 -23.62 -8.08 -2.83
CA VAL B 223 -23.27 -9.46 -2.49
C VAL B 223 -21.75 -9.54 -2.48
N GLY B 224 -21.19 -10.62 -1.93
CA GLY B 224 -19.74 -10.71 -1.91
C GLY B 224 -19.07 -12.05 -1.71
N ARG B 225 -18.03 -12.04 -0.89
CA ARG B 225 -17.25 -13.23 -0.57
C ARG B 225 -18.05 -14.31 0.14
N SER B 226 -17.80 -15.57 -0.26
CA SER B 226 -18.46 -16.73 0.31
C SER B 226 -19.97 -16.57 0.49
N ASN B 227 -20.64 -16.13 -0.57
CA ASN B 227 -22.08 -15.95 -0.52
C ASN B 227 -22.82 -17.10 -1.20
N ILE B 228 -23.80 -17.65 -0.50
CA ILE B 228 -24.59 -18.76 -1.01
C ILE B 228 -25.95 -18.25 -1.50
N ARG B 229 -26.76 -19.16 -2.04
CA ARG B 229 -28.08 -18.80 -2.54
C ARG B 229 -28.81 -17.75 -1.71
N LYS B 230 -29.03 -18.04 -0.43
CA LYS B 230 -29.74 -17.14 0.49
C LYS B 230 -29.34 -15.66 0.43
N SER B 231 -28.05 -15.36 0.35
CA SER B 231 -27.62 -13.98 0.28
C SER B 231 -28.19 -13.34 -0.98
N TYR B 232 -28.23 -14.13 -2.06
CA TYR B 232 -28.76 -13.65 -3.34
C TYR B 232 -30.29 -13.58 -3.34
N ASP B 233 -30.93 -14.65 -2.85
CA ASP B 233 -32.39 -14.68 -2.78
C ASP B 233 -32.84 -13.47 -1.95
N SER B 234 -32.09 -13.20 -0.88
CA SER B 234 -32.36 -12.08 0.00
C SER B 234 -32.22 -10.74 -0.74
N VAL B 235 -31.42 -10.71 -1.80
CA VAL B 235 -31.24 -9.49 -2.57
C VAL B 235 -32.41 -9.31 -3.51
N ILE B 236 -32.85 -10.42 -4.10
CA ILE B 236 -33.99 -10.37 -5.00
C ILE B 236 -35.21 -9.87 -4.23
N ARG B 237 -35.44 -10.44 -3.06
CA ARG B 237 -36.58 -10.05 -2.24
C ARG B 237 -36.55 -8.55 -1.95
N GLU B 238 -35.39 -8.03 -1.60
CA GLU B 238 -35.26 -6.60 -1.30
C GLU B 238 -35.47 -5.73 -2.53
N LEU B 239 -35.16 -6.26 -3.71
CA LEU B 239 -35.35 -5.49 -4.93
C LEU B 239 -36.86 -5.44 -5.19
N LEU B 240 -37.52 -6.56 -4.87
CA LEU B 240 -38.95 -6.67 -5.04
C LEU B 240 -39.73 -5.72 -4.13
N GLN B 241 -39.12 -5.32 -3.03
CA GLN B 241 -39.76 -4.40 -2.07
C GLN B 241 -39.70 -2.95 -2.55
N LYS B 242 -39.26 -2.76 -3.79
CA LYS B 242 -39.18 -1.44 -4.41
C LYS B 242 -39.73 -1.63 -5.82
N PRO B 243 -41.00 -2.03 -5.93
CA PRO B 243 -41.71 -2.29 -7.19
C PRO B 243 -41.62 -1.22 -8.28
N ASN B 244 -41.60 0.06 -7.88
CA ASN B 244 -41.51 1.13 -8.87
C ASN B 244 -40.16 1.11 -9.56
N ALA B 245 -39.11 0.81 -8.80
CA ALA B 245 -37.76 0.72 -9.35
C ALA B 245 -37.67 -0.56 -10.17
N ARG B 246 -38.10 -0.48 -11.43
CA ARG B 246 -38.10 -1.63 -12.31
C ARG B 246 -36.74 -1.80 -13.04
N VAL B 247 -35.93 -0.76 -13.02
CA VAL B 247 -34.61 -0.78 -13.64
C VAL B 247 -33.56 -0.98 -12.54
N VAL B 248 -32.79 -2.05 -12.65
CA VAL B 248 -31.77 -2.38 -11.66
C VAL B 248 -30.35 -2.28 -12.23
N VAL B 249 -29.58 -1.31 -11.71
CA VAL B 249 -28.21 -1.08 -12.14
C VAL B 249 -27.28 -2.06 -11.46
N LEU B 250 -26.56 -2.85 -12.25
CA LEU B 250 -25.62 -3.84 -11.72
C LEU B 250 -24.17 -3.48 -12.05
N PHE B 251 -23.30 -3.66 -11.06
CA PHE B 251 -21.88 -3.44 -11.19
C PHE B 251 -21.30 -4.64 -10.44
N MET B 252 -21.35 -5.79 -11.10
CA MET B 252 -20.92 -7.03 -10.47
C MET B 252 -19.95 -7.87 -11.27
N ARG B 253 -19.21 -8.71 -10.55
CA ARG B 253 -18.25 -9.63 -11.13
C ARG B 253 -19.07 -10.61 -11.96
N SER B 254 -18.40 -11.31 -12.88
CA SER B 254 -19.06 -12.29 -13.72
C SER B 254 -19.75 -13.35 -12.87
N ASP B 255 -18.98 -14.08 -12.07
CA ASP B 255 -19.54 -15.13 -11.23
C ASP B 255 -20.73 -14.62 -10.39
N ASP B 256 -20.58 -13.47 -9.74
CA ASP B 256 -21.68 -12.93 -8.94
C ASP B 256 -22.93 -12.70 -9.78
N SER B 257 -22.77 -12.06 -10.93
CA SER B 257 -23.89 -11.77 -11.82
C SER B 257 -24.66 -13.05 -12.12
N ARG B 258 -23.93 -14.11 -12.42
CA ARG B 258 -24.52 -15.40 -12.72
C ARG B 258 -25.42 -15.86 -11.56
N GLU B 259 -24.92 -15.72 -10.34
CA GLU B 259 -25.66 -16.10 -9.14
C GLU B 259 -26.93 -15.24 -8.99
N LEU B 260 -26.78 -13.94 -9.18
CA LEU B 260 -27.89 -13.01 -9.04
C LEU B 260 -29.03 -13.32 -10.00
N ILE B 261 -28.70 -13.61 -11.25
CA ILE B 261 -29.73 -13.92 -12.25
C ILE B 261 -30.37 -15.29 -11.97
N ALA B 262 -29.62 -16.22 -11.41
CA ALA B 262 -30.17 -17.53 -11.11
C ALA B 262 -31.18 -17.38 -9.96
N ALA B 263 -30.88 -16.45 -9.05
CA ALA B 263 -31.76 -16.20 -7.90
C ALA B 263 -33.07 -15.57 -8.35
N ALA B 264 -32.99 -14.67 -9.33
CA ALA B 264 -34.17 -14.00 -9.84
C ALA B 264 -35.01 -15.00 -10.61
N ASN B 265 -34.35 -15.99 -11.20
CA ASN B 265 -35.03 -17.01 -11.99
C ASN B 265 -35.86 -17.97 -11.14
N ARG B 266 -35.42 -18.20 -9.90
CA ARG B 266 -36.14 -19.10 -9.01
C ARG B 266 -37.51 -18.54 -8.65
N VAL B 267 -37.53 -17.33 -8.12
CA VAL B 267 -38.78 -16.67 -7.74
C VAL B 267 -39.37 -15.97 -8.96
N ASN B 268 -38.86 -16.33 -10.13
CA ASN B 268 -39.31 -15.75 -11.40
C ASN B 268 -39.50 -14.24 -11.35
N ALA B 269 -38.57 -13.54 -10.72
CA ALA B 269 -38.64 -12.09 -10.65
C ALA B 269 -38.21 -11.54 -12.01
N SER B 270 -38.69 -10.37 -12.37
CA SER B 270 -38.32 -9.78 -13.65
C SER B 270 -38.10 -8.28 -13.57
N PHE B 271 -36.88 -7.88 -13.91
CA PHE B 271 -36.50 -6.46 -13.92
C PHE B 271 -35.75 -6.19 -15.21
N THR B 272 -35.50 -4.92 -15.47
CA THR B 272 -34.72 -4.55 -16.65
C THR B 272 -33.34 -4.27 -16.09
N TRP B 273 -32.38 -5.15 -16.41
CA TRP B 273 -31.02 -5.00 -15.91
C TRP B 273 -30.11 -4.11 -16.77
N VAL B 274 -29.31 -3.30 -16.09
CA VAL B 274 -28.32 -2.43 -16.72
C VAL B 274 -27.02 -2.86 -16.02
N ALA B 275 -26.29 -3.77 -16.66
CA ALA B 275 -25.07 -4.30 -16.08
C ALA B 275 -23.77 -3.79 -16.70
N SER B 276 -22.71 -3.75 -15.90
CA SER B 276 -21.41 -3.31 -16.36
C SER B 276 -20.69 -4.47 -17.04
N ASP B 277 -19.48 -4.22 -17.52
CA ASP B 277 -18.72 -5.23 -18.25
C ASP B 277 -18.52 -6.56 -17.56
N GLY B 278 -18.62 -6.57 -16.23
CA GLY B 278 -18.45 -7.82 -15.51
C GLY B 278 -19.42 -8.83 -16.09
N TRP B 279 -20.62 -8.35 -16.41
CA TRP B 279 -21.62 -9.20 -17.01
C TRP B 279 -21.25 -9.20 -18.49
N GLY B 280 -21.21 -7.99 -19.05
CA GLY B 280 -20.85 -7.81 -20.44
C GLY B 280 -21.74 -8.52 -21.43
N ALA B 281 -21.12 -9.08 -22.47
CA ALA B 281 -21.86 -9.80 -23.49
C ALA B 281 -21.64 -11.29 -23.38
N GLN B 282 -21.66 -11.80 -22.16
CA GLN B 282 -21.46 -13.23 -21.95
C GLN B 282 -22.79 -13.96 -22.00
N GLU B 283 -22.84 -15.04 -22.76
CA GLU B 283 -24.05 -15.84 -22.87
C GLU B 283 -24.09 -16.85 -21.73
N SER B 284 -22.93 -17.16 -21.18
CA SER B 284 -22.80 -18.12 -20.09
C SER B 284 -23.47 -17.60 -18.82
N ILE B 285 -23.63 -16.29 -18.74
CA ILE B 285 -24.23 -15.65 -17.58
C ILE B 285 -25.73 -15.90 -17.47
N VAL B 286 -26.41 -15.82 -18.60
CA VAL B 286 -27.85 -15.97 -18.67
C VAL B 286 -28.33 -17.40 -18.96
N LYS B 287 -27.42 -18.30 -19.31
CA LYS B 287 -27.79 -19.68 -19.61
C LYS B 287 -28.60 -20.33 -18.49
N GLY B 288 -29.79 -20.80 -18.81
CA GLY B 288 -30.64 -21.44 -17.81
C GLY B 288 -31.60 -20.47 -17.12
N SER B 289 -31.60 -19.22 -17.57
CA SER B 289 -32.46 -18.19 -17.00
C SER B 289 -32.65 -17.12 -18.06
N GLU B 290 -32.48 -17.51 -19.32
CA GLU B 290 -32.60 -16.60 -20.44
C GLU B 290 -33.82 -15.68 -20.44
N HIS B 291 -34.97 -16.18 -19.98
CA HIS B 291 -36.18 -15.36 -19.97
C HIS B 291 -36.21 -14.29 -18.88
N VAL B 292 -35.46 -14.52 -17.81
CA VAL B 292 -35.39 -13.57 -16.71
C VAL B 292 -34.48 -12.38 -17.05
N ALA B 293 -33.52 -12.60 -17.94
CA ALA B 293 -32.58 -11.56 -18.35
C ALA B 293 -32.95 -10.92 -19.68
N TYR B 294 -34.02 -11.40 -20.30
CA TYR B 294 -34.45 -10.86 -21.59
C TYR B 294 -34.62 -9.35 -21.47
N GLY B 295 -34.21 -8.63 -22.50
CA GLY B 295 -34.34 -7.18 -22.50
C GLY B 295 -33.27 -6.43 -21.73
N ALA B 296 -32.39 -7.16 -21.04
CA ALA B 296 -31.33 -6.53 -20.27
C ALA B 296 -30.37 -5.73 -21.16
N ILE B 297 -29.83 -4.65 -20.60
CA ILE B 297 -28.88 -3.81 -21.30
C ILE B 297 -27.55 -3.94 -20.57
N THR B 298 -26.51 -4.28 -21.30
CA THR B 298 -25.20 -4.45 -20.70
C THR B 298 -24.12 -3.69 -21.44
N LEU B 299 -23.03 -3.40 -20.75
CA LEU B 299 -21.90 -2.70 -21.36
C LEU B 299 -20.68 -3.59 -21.48
N GLU B 300 -19.80 -3.23 -22.39
CA GLU B 300 -18.55 -3.94 -22.58
C GLU B 300 -17.59 -2.98 -23.25
N LEU B 301 -16.29 -3.19 -23.05
CA LEU B 301 -15.30 -2.30 -23.64
C LEU B 301 -15.37 -2.43 -25.15
N ALA B 302 -15.30 -1.29 -25.84
CA ALA B 302 -15.36 -1.29 -27.30
C ALA B 302 -14.16 -2.02 -27.83
N SER B 303 -14.40 -3.10 -28.57
CA SER B 303 -13.33 -3.88 -29.15
C SER B 303 -13.80 -4.56 -30.43
N HIS B 304 -12.86 -5.16 -31.15
CA HIS B 304 -13.18 -5.85 -32.38
C HIS B 304 -12.42 -7.16 -32.36
N PRO B 305 -13.05 -8.24 -32.81
CA PRO B 305 -12.37 -9.54 -32.81
C PRO B 305 -11.04 -9.53 -33.57
N VAL B 306 -10.14 -10.39 -33.12
CA VAL B 306 -8.82 -10.55 -33.74
C VAL B 306 -8.99 -11.77 -34.63
N ARG B 307 -9.26 -11.52 -35.90
CA ARG B 307 -9.51 -12.56 -36.89
C ARG B 307 -8.54 -13.72 -36.90
N GLN B 308 -7.24 -13.42 -36.88
CA GLN B 308 -6.24 -14.46 -36.93
C GLN B 308 -6.30 -15.37 -35.70
N PHE B 309 -6.80 -14.83 -34.59
CA PHE B 309 -6.92 -15.62 -33.37
C PHE B 309 -8.01 -16.68 -33.53
N ASP B 310 -9.09 -16.32 -34.23
CA ASP B 310 -10.18 -17.26 -34.48
C ASP B 310 -9.61 -18.54 -35.09
N ARG B 311 -8.80 -18.36 -36.14
CA ARG B 311 -8.19 -19.50 -36.81
C ARG B 311 -7.37 -20.33 -35.83
N TYR B 312 -6.52 -19.65 -35.07
CA TYR B 312 -5.65 -20.34 -34.10
C TYR B 312 -6.44 -21.16 -33.07
N PHE B 313 -7.39 -20.52 -32.41
CA PHE B 313 -8.18 -21.19 -31.40
C PHE B 313 -8.97 -22.37 -31.92
N GLN B 314 -9.57 -22.22 -33.09
CA GLN B 314 -10.38 -23.28 -33.68
C GLN B 314 -9.55 -24.50 -34.10
N SER B 315 -8.26 -24.29 -34.35
CA SER B 315 -7.39 -25.39 -34.76
C SER B 315 -6.91 -26.23 -33.58
N LEU B 316 -7.25 -25.81 -32.37
CA LEU B 316 -6.82 -26.50 -31.16
C LEU B 316 -7.68 -27.71 -30.81
N ASN B 317 -7.05 -28.75 -30.31
CA ASN B 317 -7.75 -29.95 -29.88
C ASN B 317 -6.83 -30.73 -28.94
N PRO B 318 -7.41 -31.61 -28.09
CA PRO B 318 -6.63 -32.41 -27.15
C PRO B 318 -5.43 -33.16 -27.72
N TYR B 319 -5.38 -33.30 -29.04
CA TYR B 319 -4.29 -34.02 -29.68
C TYR B 319 -3.09 -33.12 -29.98
N ASN B 320 -3.36 -31.91 -30.46
CA ASN B 320 -2.29 -30.98 -30.80
C ASN B 320 -1.98 -29.91 -29.75
N ASN B 321 -2.79 -29.84 -28.70
CA ASN B 321 -2.56 -28.83 -27.68
C ASN B 321 -2.25 -29.39 -26.29
N HIS B 322 -1.05 -29.93 -26.14
CA HIS B 322 -0.57 -30.50 -24.88
C HIS B 322 0.08 -29.46 -23.95
N ARG B 323 0.53 -28.32 -24.48
CA ARG B 323 1.20 -27.33 -23.62
C ARG B 323 0.25 -26.63 -22.62
N ASN B 324 -1.05 -26.68 -22.90
CA ASN B 324 -2.08 -26.09 -22.03
C ASN B 324 -2.64 -27.23 -21.17
N PRO B 325 -2.11 -27.40 -19.95
CA PRO B 325 -2.55 -28.47 -19.05
C PRO B 325 -4.00 -28.40 -18.55
N TRP B 326 -4.75 -27.40 -19.02
CA TRP B 326 -6.14 -27.25 -18.61
C TRP B 326 -7.05 -27.52 -19.79
N PHE B 327 -6.45 -27.75 -20.96
CA PHE B 327 -7.26 -27.96 -22.15
C PHE B 327 -8.17 -29.18 -22.11
N ARG B 328 -7.68 -30.28 -21.53
CA ARG B 328 -8.50 -31.49 -21.45
C ARG B 328 -9.77 -31.21 -20.66
N ASP B 329 -9.61 -30.73 -19.41
CA ASP B 329 -10.77 -30.41 -18.59
C ASP B 329 -11.69 -29.51 -19.40
N PHE B 330 -11.10 -28.53 -20.06
CA PHE B 330 -11.85 -27.58 -20.88
C PHE B 330 -12.71 -28.35 -21.88
N TRP B 331 -12.03 -29.14 -22.70
CA TRP B 331 -12.67 -29.94 -23.74
C TRP B 331 -13.86 -30.74 -23.21
N GLU B 332 -13.63 -31.54 -22.19
CA GLU B 332 -14.67 -32.37 -21.60
C GLU B 332 -15.89 -31.59 -21.11
N GLN B 333 -15.66 -30.40 -20.57
CA GLN B 333 -16.76 -29.59 -20.07
C GLN B 333 -17.51 -28.88 -21.20
N LYS B 334 -16.79 -28.42 -22.21
CA LYS B 334 -17.42 -27.70 -23.32
C LYS B 334 -18.34 -28.61 -24.14
N PHE B 335 -17.92 -29.86 -24.30
CA PHE B 335 -18.68 -30.83 -25.07
C PHE B 335 -19.39 -31.88 -24.21
N GLN B 336 -19.18 -31.83 -22.90
CA GLN B 336 -19.80 -32.81 -22.00
C GLN B 336 -19.22 -34.18 -22.38
N CYS B 337 -17.89 -34.25 -22.36
CA CYS B 337 -17.12 -35.42 -22.74
C CYS B 337 -16.67 -36.41 -21.70
N SER B 338 -15.51 -37.00 -22.02
CA SER B 338 -14.80 -37.99 -21.24
C SER B 338 -13.85 -38.68 -22.21
N LEU B 339 -12.70 -39.11 -21.71
CA LEU B 339 -11.71 -39.78 -22.54
C LEU B 339 -11.13 -40.96 -21.76
N GLN B 340 -10.01 -40.72 -21.08
CA GLN B 340 -9.35 -41.75 -20.28
C GLN B 340 -8.57 -41.11 -19.13
N GLN B 347 -19.61 -41.37 -20.78
CA GLN B 347 -19.91 -41.05 -22.17
C GLN B 347 -18.67 -40.57 -22.92
N VAL B 348 -17.88 -41.51 -23.45
CA VAL B 348 -16.67 -41.15 -24.19
C VAL B 348 -17.02 -40.12 -25.27
N CYS B 349 -15.99 -39.49 -25.85
CA CYS B 349 -16.27 -38.47 -26.86
C CYS B 349 -15.80 -38.66 -28.29
N ASP B 350 -16.65 -38.18 -29.21
CA ASP B 350 -16.41 -38.26 -30.63
C ASP B 350 -15.09 -37.59 -31.02
N LYS B 351 -14.11 -38.41 -31.42
CA LYS B 351 -12.80 -37.92 -31.80
C LYS B 351 -12.84 -36.89 -32.92
N HIS B 352 -14.04 -36.59 -33.42
CA HIS B 352 -14.21 -35.62 -34.49
C HIS B 352 -14.70 -34.25 -34.00
N LEU B 353 -14.91 -34.10 -32.70
CA LEU B 353 -15.37 -32.81 -32.18
C LEU B 353 -14.34 -31.77 -32.59
N ALA B 354 -14.77 -30.52 -32.66
CA ALA B 354 -13.89 -29.44 -33.06
C ALA B 354 -14.50 -28.09 -32.72
N ILE B 355 -13.65 -27.15 -32.32
CA ILE B 355 -14.11 -25.82 -31.98
C ILE B 355 -14.33 -25.14 -33.32
N ASP B 356 -15.52 -24.59 -33.55
CA ASP B 356 -15.79 -23.92 -34.83
C ASP B 356 -16.82 -22.81 -34.72
N SER B 357 -17.16 -22.24 -35.86
CA SER B 357 -18.11 -21.14 -35.94
C SER B 357 -19.49 -21.43 -35.36
N SER B 358 -19.81 -22.70 -35.12
CA SER B 358 -21.12 -23.06 -34.59
C SER B 358 -21.14 -23.24 -33.06
N ASN B 359 -19.97 -23.25 -32.43
CA ASN B 359 -19.92 -23.44 -30.99
C ASN B 359 -18.92 -22.52 -30.26
N TYR B 360 -18.25 -21.66 -31.02
CA TYR B 360 -17.27 -20.75 -30.45
C TYR B 360 -17.41 -19.34 -31.00
N GLU B 361 -17.26 -18.36 -30.11
CA GLU B 361 -17.32 -16.96 -30.47
C GLU B 361 -16.21 -16.26 -29.67
N GLN B 362 -15.34 -15.56 -30.36
CA GLN B 362 -14.24 -14.88 -29.70
C GLN B 362 -14.70 -14.05 -28.50
N GLU B 363 -14.09 -14.32 -27.35
CA GLU B 363 -14.41 -13.60 -26.12
C GLU B 363 -14.27 -12.11 -26.43
N SER B 364 -15.10 -11.30 -25.81
CA SER B 364 -15.08 -9.87 -26.04
C SER B 364 -13.74 -9.10 -25.85
N LYS B 365 -12.95 -9.47 -24.85
CA LYS B 365 -11.71 -8.76 -24.55
C LYS B 365 -10.39 -9.34 -25.09
N ILE B 366 -10.48 -10.36 -25.92
CA ILE B 366 -9.29 -10.97 -26.48
C ILE B 366 -8.31 -9.93 -27.04
N MET B 367 -8.85 -8.97 -27.79
CA MET B 367 -8.05 -7.91 -28.38
C MET B 367 -7.13 -7.28 -27.31
N PHE B 368 -7.65 -7.09 -26.11
CA PHE B 368 -6.87 -6.47 -25.04
C PHE B 368 -5.77 -7.37 -24.48
N VAL B 369 -5.97 -8.69 -24.54
CA VAL B 369 -4.96 -9.61 -24.05
C VAL B 369 -3.78 -9.52 -25.01
N VAL B 370 -4.06 -9.66 -26.30
CA VAL B 370 -3.04 -9.59 -27.33
C VAL B 370 -2.30 -8.25 -27.29
N ASN B 371 -3.02 -7.14 -27.19
CA ASN B 371 -2.34 -5.86 -27.12
C ASN B 371 -1.46 -5.75 -25.87
N ALA B 372 -1.91 -6.37 -24.78
CA ALA B 372 -1.15 -6.32 -23.53
C ALA B 372 0.19 -7.00 -23.71
N VAL B 373 0.14 -8.23 -24.20
CA VAL B 373 1.36 -8.98 -24.42
C VAL B 373 2.26 -8.24 -25.39
N TYR B 374 1.67 -7.68 -26.45
CA TYR B 374 2.46 -6.96 -27.44
C TYR B 374 3.07 -5.69 -26.86
N ALA B 375 2.37 -5.04 -25.94
CA ALA B 375 2.91 -3.83 -25.35
C ALA B 375 4.17 -4.16 -24.54
N MET B 376 4.14 -5.28 -23.83
CA MET B 376 5.29 -5.66 -23.04
C MET B 376 6.44 -6.01 -23.97
N ALA B 377 6.15 -6.70 -25.07
CA ALA B 377 7.18 -7.07 -26.03
C ALA B 377 7.82 -5.81 -26.65
N HIS B 378 6.99 -4.86 -27.08
CA HIS B 378 7.48 -3.63 -27.68
C HIS B 378 8.34 -2.87 -26.69
N ALA B 379 7.94 -2.87 -25.42
CA ALA B 379 8.72 -2.17 -24.40
C ALA B 379 10.09 -2.83 -24.25
N LEU B 380 10.11 -4.16 -24.17
CA LEU B 380 11.36 -4.86 -24.02
C LEU B 380 12.24 -4.67 -25.25
N HIS B 381 11.59 -4.67 -26.42
CA HIS B 381 12.24 -4.50 -27.71
C HIS B 381 12.96 -3.15 -27.81
N LYS B 382 12.26 -2.07 -27.45
CA LYS B 382 12.88 -0.76 -27.50
C LYS B 382 14.03 -0.71 -26.48
N MET B 383 13.87 -1.39 -25.36
CA MET B 383 14.93 -1.38 -24.36
C MET B 383 16.14 -2.13 -24.92
N GLN B 384 15.93 -3.27 -25.57
CA GLN B 384 17.04 -4.03 -26.13
C GLN B 384 17.74 -3.26 -27.26
N ARG B 385 16.97 -2.52 -28.07
CA ARG B 385 17.58 -1.73 -29.14
C ARG B 385 18.47 -0.65 -28.53
N THR B 386 18.05 -0.13 -27.38
CA THR B 386 18.79 0.93 -26.71
C THR B 386 20.04 0.52 -25.96
N LEU B 387 19.92 -0.51 -25.14
CA LEU B 387 21.03 -0.97 -24.32
C LEU B 387 21.99 -1.92 -25.02
N CYS B 388 21.54 -2.55 -26.10
CA CYS B 388 22.34 -3.50 -26.86
C CYS B 388 22.45 -3.06 -28.30
N PRO B 389 23.14 -1.94 -28.55
CA PRO B 389 23.29 -1.44 -29.91
C PRO B 389 24.04 -2.29 -30.94
N GLN B 390 24.76 -3.32 -30.51
CA GLN B 390 25.52 -4.14 -31.45
C GLN B 390 24.88 -5.41 -32.00
N THR B 391 23.90 -5.95 -31.30
CA THR B 391 23.25 -7.18 -31.72
C THR B 391 21.75 -7.15 -31.47
N THR B 392 21.10 -8.24 -31.85
CA THR B 392 19.67 -8.39 -31.64
C THR B 392 19.52 -9.32 -30.44
N LYS B 393 20.65 -9.75 -29.89
CA LYS B 393 20.63 -10.66 -28.75
C LYS B 393 20.54 -9.93 -27.42
N LEU B 394 20.15 -10.66 -26.38
CA LEU B 394 20.04 -10.10 -25.04
C LEU B 394 21.47 -9.95 -24.52
N CYS B 395 22.04 -8.76 -24.70
CA CYS B 395 23.41 -8.50 -24.29
C CYS B 395 23.58 -8.37 -22.78
N ASP B 396 24.83 -8.44 -22.32
CA ASP B 396 25.13 -8.34 -20.89
C ASP B 396 24.45 -7.18 -20.17
N ALA B 397 24.36 -6.03 -20.83
CA ALA B 397 23.75 -4.86 -20.23
C ALA B 397 22.30 -5.08 -19.83
N MET B 398 21.65 -6.06 -20.46
CA MET B 398 20.26 -6.37 -20.13
C MET B 398 20.10 -7.72 -19.45
N LYS B 399 21.18 -8.31 -18.98
CA LYS B 399 21.12 -9.60 -18.29
C LYS B 399 20.26 -9.44 -17.05
N ILE B 400 20.41 -8.31 -16.37
CA ILE B 400 19.63 -8.00 -15.19
C ILE B 400 18.82 -6.76 -15.53
N LEU B 401 17.53 -6.96 -15.80
CA LEU B 401 16.65 -5.85 -16.15
C LEU B 401 16.34 -4.87 -15.03
N ASP B 402 16.33 -3.60 -15.39
CA ASP B 402 15.99 -2.55 -14.45
C ASP B 402 14.48 -2.35 -14.65
N GLY B 403 13.69 -3.07 -13.85
CA GLY B 403 12.24 -2.98 -13.92
C GLY B 403 11.67 -1.57 -13.87
N LYS B 404 12.29 -0.70 -13.06
CA LYS B 404 11.83 0.68 -12.93
C LYS B 404 11.93 1.39 -14.28
N LYS B 405 13.08 1.24 -14.95
CA LYS B 405 13.26 1.85 -16.25
C LYS B 405 12.30 1.22 -17.27
N LEU B 406 12.20 -0.10 -17.24
CA LEU B 406 11.33 -0.81 -18.17
C LEU B 406 9.93 -0.21 -18.11
N TYR B 407 9.42 0.03 -16.89
CA TYR B 407 8.09 0.60 -16.73
C TYR B 407 8.06 2.03 -17.24
N LYS B 408 9.09 2.81 -16.90
CA LYS B 408 9.21 4.18 -17.40
C LYS B 408 9.98 4.12 -18.74
N GLU B 409 9.45 3.33 -19.69
CA GLU B 409 9.97 3.09 -21.04
C GLU B 409 8.78 2.39 -21.73
N TYR B 410 7.98 1.75 -20.89
CA TYR B 410 6.79 1.04 -21.28
C TYR B 410 5.60 2.01 -21.30
N LEU B 411 5.62 2.96 -20.38
CA LEU B 411 4.55 3.95 -20.30
C LEU B 411 4.54 4.85 -21.53
N LEU B 412 5.70 5.09 -22.11
CA LEU B 412 5.80 5.97 -23.28
C LEU B 412 5.63 5.25 -24.60
N LYS B 413 5.33 3.97 -24.52
CA LYS B 413 5.16 3.15 -25.71
C LYS B 413 3.93 3.52 -26.54
N ILE B 414 4.09 3.52 -27.87
CA ILE B 414 3.00 3.81 -28.80
C ILE B 414 3.24 2.98 -30.07
N GLN B 415 2.30 2.13 -30.44
CA GLN B 415 2.49 1.33 -31.65
C GLN B 415 1.15 0.92 -32.27
N PHE B 416 1.18 0.63 -33.56
CA PHE B 416 -0.02 0.18 -34.26
C PHE B 416 -0.37 -1.21 -33.72
N THR B 417 -1.62 -1.39 -33.30
CA THR B 417 -2.10 -2.65 -32.75
C THR B 417 -1.61 -3.87 -33.51
N ALA B 418 -1.20 -4.89 -32.76
CA ALA B 418 -0.72 -6.14 -33.34
C ALA B 418 -1.43 -6.33 -34.68
N PRO B 419 -0.65 -6.52 -35.76
CA PRO B 419 -1.09 -6.71 -37.15
C PRO B 419 -2.54 -7.18 -37.31
N PHE B 420 -3.00 -7.90 -36.32
CA PHE B 420 -4.34 -8.47 -36.28
C PHE B 420 -5.46 -7.43 -36.18
N ASN B 421 -5.20 -6.21 -36.66
CA ASN B 421 -6.20 -5.16 -36.61
C ASN B 421 -6.21 -4.39 -37.93
N PRO B 422 -7.31 -4.49 -38.69
CA PRO B 422 -7.44 -3.79 -39.97
C PRO B 422 -7.35 -2.28 -39.80
N ASN B 423 -6.99 -1.58 -40.88
CA ASN B 423 -6.87 -0.13 -40.88
C ASN B 423 -5.98 0.37 -39.74
N LYS B 424 -5.92 1.69 -39.61
CA LYS B 424 -5.13 2.35 -38.56
C LYS B 424 -5.75 3.73 -38.36
N GLY B 425 -6.85 3.97 -39.07
CA GLY B 425 -7.56 5.24 -38.99
C GLY B 425 -8.47 5.36 -37.79
N ALA B 426 -9.13 4.26 -37.42
CA ALA B 426 -10.03 4.26 -36.26
C ALA B 426 -9.18 4.20 -34.99
N ASP B 427 -8.12 4.99 -34.98
CA ASP B 427 -7.17 5.06 -33.87
C ASP B 427 -6.95 3.69 -33.26
N SER B 428 -6.19 2.86 -33.98
CA SER B 428 -5.89 1.52 -33.50
C SER B 428 -4.46 1.48 -32.95
N ILE B 429 -4.08 2.51 -32.20
CA ILE B 429 -2.75 2.56 -31.61
C ILE B 429 -2.83 2.23 -30.12
N VAL B 430 -1.92 1.39 -29.65
CA VAL B 430 -1.92 1.05 -28.23
C VAL B 430 -0.90 1.95 -27.54
N LYS B 431 -1.33 2.56 -26.43
CA LYS B 431 -0.49 3.46 -25.67
C LYS B 431 -1.14 3.60 -24.29
N PHE B 432 -0.57 4.43 -23.42
CA PHE B 432 -1.14 4.59 -22.09
C PHE B 432 -1.23 6.03 -21.60
N ASP B 433 -2.21 6.27 -20.73
CA ASP B 433 -2.42 7.57 -20.08
C ASP B 433 -1.19 7.79 -19.23
N THR B 434 -1.19 8.92 -18.54
CA THR B 434 -0.14 9.25 -17.60
C THR B 434 -0.41 8.38 -16.37
N PHE B 435 -1.62 7.83 -16.30
CA PHE B 435 -2.02 6.95 -15.20
C PHE B 435 -1.83 5.49 -15.58
N GLY B 436 -1.45 5.25 -16.83
CA GLY B 436 -1.22 3.90 -17.31
C GLY B 436 -2.48 3.22 -17.80
N ASP B 437 -3.52 4.00 -18.05
CA ASP B 437 -4.78 3.45 -18.49
C ASP B 437 -4.98 3.51 -19.99
N GLY B 438 -5.99 2.77 -20.46
CA GLY B 438 -6.33 2.77 -21.87
C GLY B 438 -7.47 3.75 -22.09
N MET B 439 -8.01 3.81 -23.31
CA MET B 439 -9.09 4.74 -23.64
C MET B 439 -10.51 4.32 -23.24
N GLY B 440 -11.25 5.26 -22.67
CA GLY B 440 -12.63 4.98 -22.24
C GLY B 440 -13.68 4.94 -23.33
N ARG B 441 -13.78 3.80 -24.02
CA ARG B 441 -14.74 3.61 -25.10
C ARG B 441 -15.55 2.34 -24.83
N TYR B 442 -16.88 2.45 -24.86
CA TYR B 442 -17.70 1.28 -24.61
C TYR B 442 -18.77 1.06 -25.67
N ASN B 443 -19.31 -0.14 -25.68
CA ASN B 443 -20.40 -0.50 -26.57
C ASN B 443 -21.56 -0.91 -25.66
N VAL B 444 -22.79 -0.60 -26.09
CA VAL B 444 -23.96 -0.94 -25.32
C VAL B 444 -24.63 -2.14 -25.98
N PHE B 445 -25.01 -3.12 -25.19
CA PHE B 445 -25.66 -4.32 -25.74
C PHE B 445 -27.06 -4.56 -25.18
N ASN B 446 -27.85 -5.29 -25.95
CA ASN B 446 -29.23 -5.60 -25.60
C ASN B 446 -29.39 -7.12 -25.76
N LEU B 447 -29.87 -7.78 -24.71
CA LEU B 447 -30.06 -9.23 -24.78
C LEU B 447 -31.36 -9.51 -25.52
N GLN B 448 -31.25 -10.07 -26.72
CA GLN B 448 -32.43 -10.39 -27.51
C GLN B 448 -32.61 -11.89 -27.65
N GLN B 449 -33.63 -12.29 -28.41
CA GLN B 449 -33.92 -13.71 -28.61
C GLN B 449 -34.64 -13.94 -29.94
N THR B 450 -34.92 -12.85 -30.66
CA THR B 450 -35.63 -12.89 -31.94
C THR B 450 -35.66 -14.23 -32.67
N GLY B 451 -34.49 -14.84 -32.89
CA GLY B 451 -34.45 -16.11 -33.59
C GLY B 451 -34.54 -17.34 -32.70
N GLY B 452 -35.39 -17.30 -31.68
CA GLY B 452 -35.54 -18.43 -30.78
C GLY B 452 -34.39 -18.54 -29.78
N LYS B 453 -33.19 -18.21 -30.24
CA LYS B 453 -31.97 -18.27 -29.44
C LYS B 453 -31.63 -16.88 -28.88
N TYR B 454 -31.12 -16.84 -27.66
CA TYR B 454 -30.76 -15.57 -27.03
C TYR B 454 -29.36 -15.11 -27.42
N SER B 455 -29.24 -13.81 -27.70
CA SER B 455 -27.97 -13.23 -28.09
C SER B 455 -27.90 -11.74 -27.78
N TYR B 456 -26.68 -11.21 -27.73
CA TYR B 456 -26.50 -9.79 -27.44
C TYR B 456 -26.39 -9.03 -28.76
N LEU B 457 -27.07 -7.89 -28.84
CA LEU B 457 -27.04 -7.07 -30.03
C LEU B 457 -26.52 -5.69 -29.66
N LYS B 458 -25.57 -5.18 -30.44
CA LYS B 458 -25.04 -3.86 -30.16
C LYS B 458 -26.16 -2.89 -30.48
N VAL B 459 -26.49 -2.02 -29.52
CA VAL B 459 -27.56 -1.04 -29.71
C VAL B 459 -27.07 0.37 -29.44
N GLY B 460 -25.75 0.55 -29.38
CA GLY B 460 -25.19 1.86 -29.13
C GLY B 460 -23.74 1.83 -28.65
N HIS B 461 -23.24 2.98 -28.24
CA HIS B 461 -21.88 3.08 -27.76
C HIS B 461 -21.64 4.38 -27.03
N TRP B 462 -20.54 4.43 -26.27
CA TRP B 462 -20.21 5.62 -25.51
C TRP B 462 -18.75 5.97 -25.71
N ALA B 463 -18.49 7.18 -26.18
CA ALA B 463 -17.13 7.64 -26.42
C ALA B 463 -16.83 8.79 -25.49
N GLU B 464 -17.76 9.72 -25.39
CA GLU B 464 -17.59 10.88 -24.51
C GLU B 464 -19.02 11.33 -24.22
N THR B 465 -19.89 10.96 -25.14
CA THR B 465 -21.32 11.24 -25.08
C THR B 465 -22.01 9.95 -25.46
N LEU B 466 -23.21 9.74 -24.94
CA LEU B 466 -23.95 8.51 -25.25
C LEU B 466 -24.46 8.52 -26.68
N SER B 467 -24.64 7.33 -27.23
CA SER B 467 -25.12 7.17 -28.59
C SER B 467 -25.74 5.79 -28.77
N LEU B 468 -26.98 5.76 -29.25
CA LEU B 468 -27.67 4.50 -29.47
C LEU B 468 -28.97 4.68 -30.25
N ASP B 469 -29.30 3.71 -31.09
CA ASP B 469 -30.54 3.80 -31.85
C ASP B 469 -31.60 3.01 -31.09
N VAL B 470 -32.43 3.76 -30.37
CA VAL B 470 -33.48 3.20 -29.53
C VAL B 470 -34.40 2.21 -30.24
N ASP B 471 -34.58 2.36 -31.54
CA ASP B 471 -35.48 1.49 -32.28
C ASP B 471 -35.10 0.00 -32.34
N SER B 472 -33.81 -0.30 -32.39
CA SER B 472 -33.40 -1.70 -32.45
C SER B 472 -33.42 -2.41 -31.11
N ILE B 473 -33.73 -1.68 -30.05
CA ILE B 473 -33.78 -2.25 -28.70
C ILE B 473 -35.06 -3.02 -28.42
N HIS B 474 -34.90 -4.23 -27.87
CA HIS B 474 -36.02 -5.07 -27.50
C HIS B 474 -36.11 -4.99 -25.99
N TRP B 475 -37.25 -4.56 -25.46
CA TRP B 475 -37.37 -4.45 -24.02
C TRP B 475 -38.04 -5.65 -23.36
N SER B 476 -37.98 -5.67 -22.03
CA SER B 476 -38.59 -6.73 -21.23
C SER B 476 -40.07 -6.35 -21.17
N ARG B 477 -40.92 -7.19 -21.77
CA ARG B 477 -42.36 -6.93 -21.82
C ARG B 477 -42.69 -5.89 -22.90
N ASN B 478 -42.00 -6.02 -24.04
CA ASN B 478 -42.17 -5.16 -25.21
C ASN B 478 -42.46 -3.67 -25.02
N SER B 479 -42.25 -3.16 -23.82
CA SER B 479 -42.51 -1.75 -23.57
C SER B 479 -41.32 -1.09 -22.90
N VAL B 480 -40.89 0.05 -23.44
CA VAL B 480 -39.75 0.76 -22.88
C VAL B 480 -40.06 1.06 -21.41
N PRO B 481 -39.39 0.34 -20.49
CA PRO B 481 -39.54 0.47 -19.04
C PRO B 481 -39.79 1.86 -18.48
N THR B 482 -40.50 1.88 -17.36
CA THR B 482 -40.83 3.10 -16.64
C THR B 482 -40.22 2.85 -15.28
N SER B 483 -39.29 3.69 -14.86
CA SER B 483 -38.66 3.49 -13.57
C SER B 483 -38.59 4.80 -12.80
N GLN B 484 -39.71 5.15 -12.16
CA GLN B 484 -39.78 6.37 -11.38
C GLN B 484 -40.35 6.08 -10.00
N CYS B 485 -40.02 6.94 -9.05
CA CYS B 485 -40.41 6.80 -7.65
C CYS B 485 -41.88 6.58 -7.31
N SER B 486 -42.74 7.49 -7.72
CA SER B 486 -44.16 7.41 -7.40
C SER B 486 -45.08 6.97 -8.53
N ASP B 487 -46.29 6.53 -8.15
CA ASP B 487 -47.29 6.09 -9.12
C ASP B 487 -47.76 7.30 -9.91
N PRO B 488 -48.09 7.10 -11.21
CA PRO B 488 -48.56 8.21 -12.05
C PRO B 488 -49.91 8.74 -11.59
N CYS B 489 -50.13 10.04 -11.78
CA CYS B 489 -51.36 10.68 -11.39
C CYS B 489 -52.56 10.31 -12.23
N ALA B 490 -53.72 10.20 -11.59
CA ALA B 490 -54.97 9.90 -12.28
C ALA B 490 -55.18 11.07 -13.23
N PRO B 491 -55.77 10.81 -14.39
CA PRO B 491 -56.00 11.89 -15.34
C PRO B 491 -57.09 12.84 -14.90
N ASN B 492 -58.30 12.30 -14.88
CA ASN B 492 -59.53 12.99 -14.53
C ASN B 492 -59.48 14.12 -13.53
N GLU B 493 -58.41 14.25 -12.74
CA GLU B 493 -58.39 15.35 -11.79
C GLU B 493 -57.11 15.57 -10.98
N MET B 494 -56.13 14.69 -11.11
CA MET B 494 -54.93 14.86 -10.30
C MET B 494 -53.79 15.67 -10.90
N LYS B 495 -53.15 16.48 -10.07
CA LYS B 495 -52.02 17.29 -10.49
C LYS B 495 -50.77 16.66 -9.86
N ASN B 496 -49.65 16.77 -10.56
CA ASN B 496 -48.38 16.24 -10.11
C ASN B 496 -47.75 17.25 -9.14
N MET B 497 -47.35 16.80 -7.95
CA MET B 497 -46.75 17.69 -6.97
C MET B 497 -45.41 17.19 -6.44
N GLN B 498 -44.36 17.98 -6.61
CA GLN B 498 -43.02 17.61 -6.18
C GLN B 498 -42.72 18.09 -4.75
N PRO B 499 -42.43 17.16 -3.83
CA PRO B 499 -42.12 17.55 -2.44
C PRO B 499 -40.76 18.27 -2.29
N GLY B 500 -39.78 17.60 -1.70
CA GLY B 500 -38.48 18.22 -1.51
C GLY B 500 -37.41 17.72 -2.49
N ASP B 501 -37.62 16.52 -3.02
CA ASP B 501 -36.67 15.93 -3.96
C ASP B 501 -37.10 16.16 -5.41
N VAL B 502 -36.43 15.49 -6.33
CA VAL B 502 -36.73 15.62 -7.75
C VAL B 502 -37.04 14.26 -8.35
N CYS B 503 -37.40 13.31 -7.50
CA CYS B 503 -37.72 11.96 -7.96
C CYS B 503 -39.12 11.50 -7.59
N CYS B 504 -39.57 11.90 -6.41
CA CYS B 504 -40.89 11.50 -5.91
C CYS B 504 -41.90 12.65 -5.90
N TRP B 505 -43.18 12.29 -5.97
CA TRP B 505 -44.24 13.29 -5.97
C TRP B 505 -45.56 12.76 -5.40
N ILE B 506 -46.51 13.66 -5.19
CA ILE B 506 -47.83 13.28 -4.69
C ILE B 506 -48.87 13.83 -5.68
N CYS B 507 -49.96 13.09 -5.85
CA CYS B 507 -51.01 13.52 -6.77
C CYS B 507 -52.19 14.15 -6.04
N ILE B 508 -52.49 15.40 -6.41
CA ILE B 508 -53.58 16.15 -5.78
C ILE B 508 -54.79 16.26 -6.70
N PRO B 509 -55.91 15.61 -6.34
CA PRO B 509 -57.08 15.73 -7.20
C PRO B 509 -57.50 17.18 -7.20
N CYS B 510 -57.96 17.65 -8.35
CA CYS B 510 -58.36 19.04 -8.45
C CYS B 510 -59.84 19.22 -8.18
N GLU B 511 -60.22 20.46 -7.88
CA GLU B 511 -61.60 20.79 -7.61
C GLU B 511 -62.39 20.60 -8.90
N PRO B 512 -63.65 20.19 -8.79
CA PRO B 512 -64.47 19.98 -9.99
C PRO B 512 -64.52 21.18 -10.95
N TYR B 513 -64.17 22.37 -10.46
CA TYR B 513 -64.20 23.57 -11.29
C TYR B 513 -62.82 24.03 -11.78
N GLU B 514 -61.82 23.16 -11.62
CA GLU B 514 -60.46 23.45 -12.06
C GLU B 514 -60.06 22.51 -13.18
N TYR B 515 -59.21 22.97 -14.08
CA TYR B 515 -58.73 22.13 -15.17
C TYR B 515 -57.22 22.07 -15.01
N LEU B 516 -56.56 21.23 -15.78
CA LEU B 516 -55.10 21.08 -15.71
C LEU B 516 -54.39 21.96 -16.73
N VAL B 517 -53.93 23.15 -16.32
CA VAL B 517 -53.21 24.02 -17.26
C VAL B 517 -51.98 23.26 -17.74
N ASP B 518 -51.43 22.45 -16.85
CA ASP B 518 -50.28 21.61 -17.16
C ASP B 518 -50.25 20.50 -16.13
N GLU B 519 -49.46 19.47 -16.45
CA GLU B 519 -49.30 18.30 -15.59
C GLU B 519 -49.27 18.56 -14.07
N PHE B 520 -48.63 19.66 -13.64
CA PHE B 520 -48.53 19.95 -12.21
C PHE B 520 -49.39 21.08 -11.70
N THR B 521 -50.24 21.65 -12.54
CA THR B 521 -51.00 22.78 -12.05
C THR B 521 -52.49 22.83 -12.28
N CYS B 522 -53.23 23.02 -11.19
CA CYS B 522 -54.65 23.15 -11.30
C CYS B 522 -55.06 24.59 -11.22
N MET B 523 -55.95 24.97 -12.11
CA MET B 523 -56.40 26.35 -12.16
C MET B 523 -57.90 26.44 -12.32
N ASP B 524 -58.48 27.42 -11.65
CA ASP B 524 -59.91 27.67 -11.68
C ASP B 524 -60.28 28.08 -13.12
N CYS B 525 -61.32 27.48 -13.66
CA CYS B 525 -61.76 27.80 -15.01
C CYS B 525 -62.33 29.20 -15.08
N GLY B 526 -62.59 29.79 -13.92
CA GLY B 526 -63.14 31.12 -13.90
C GLY B 526 -64.66 31.07 -14.04
N PRO B 527 -65.34 32.15 -13.65
CA PRO B 527 -66.81 32.24 -13.71
C PRO B 527 -67.35 32.04 -15.12
N GLY B 528 -68.52 31.40 -15.20
CA GLY B 528 -69.14 31.15 -16.48
C GLY B 528 -68.54 29.99 -17.23
N GLN B 529 -67.35 29.56 -16.84
CA GLN B 529 -66.71 28.43 -17.52
C GLN B 529 -66.61 27.21 -16.62
N TRP B 530 -66.29 26.08 -17.23
CA TRP B 530 -66.20 24.81 -16.51
C TRP B 530 -65.21 23.91 -17.26
N PRO B 531 -64.47 23.06 -16.54
CA PRO B 531 -63.49 22.18 -17.19
C PRO B 531 -64.10 21.12 -18.08
N THR B 532 -63.36 20.76 -19.14
CA THR B 532 -63.80 19.74 -20.07
C THR B 532 -63.61 18.40 -19.36
N ALA B 533 -64.32 17.37 -19.82
CA ALA B 533 -64.21 16.04 -19.24
C ALA B 533 -62.74 15.62 -19.23
N ASP B 534 -62.05 16.08 -20.25
CA ASP B 534 -60.64 15.83 -20.50
C ASP B 534 -59.71 16.60 -19.53
N LEU B 535 -60.23 17.72 -19.01
CA LEU B 535 -59.50 18.63 -18.11
C LEU B 535 -58.41 19.42 -18.82
N SER B 536 -58.36 19.33 -20.15
CA SER B 536 -57.35 20.07 -20.91
C SER B 536 -57.74 21.52 -21.13
N GLY B 537 -59.02 21.83 -20.97
CA GLY B 537 -59.48 23.20 -21.14
C GLY B 537 -60.78 23.52 -20.42
N CYS B 538 -61.30 24.71 -20.67
CA CYS B 538 -62.56 25.16 -20.05
C CYS B 538 -63.60 25.48 -21.13
N TYR B 539 -64.83 25.07 -20.90
CA TYR B 539 -65.89 25.36 -21.86
C TYR B 539 -66.94 26.22 -21.16
N ASN B 540 -67.75 26.91 -21.95
CA ASN B 540 -68.79 27.78 -21.41
C ASN B 540 -69.98 27.00 -20.88
N LEU B 541 -70.54 27.47 -19.78
CA LEU B 541 -71.69 26.83 -19.16
C LEU B 541 -72.97 27.39 -19.77
N PRO B 542 -73.99 26.55 -19.93
CA PRO B 542 -75.26 27.02 -20.49
C PRO B 542 -76.13 27.56 -19.36
N GLU B 543 -77.45 27.58 -19.57
CA GLU B 543 -78.40 28.05 -18.56
C GLU B 543 -78.31 29.54 -18.21
C1 NAG C . 18.47 32.97 25.34
C2 NAG C . 17.23 33.47 26.11
C3 NAG C . 17.58 33.65 27.59
C4 NAG C . 18.18 32.36 28.16
C5 NAG C . 19.37 31.90 27.29
C6 NAG C . 19.98 30.58 27.74
C7 NAG C . 15.70 34.76 24.75
C8 NAG C . 15.87 35.49 23.42
N2 NAG C . 16.75 34.73 25.56
O3 NAG C . 16.42 34.03 28.32
O4 NAG C . 18.62 32.57 29.50
O5 NAG C . 18.96 31.75 25.92
O6 NAG C . 18.97 29.66 28.14
O7 NAG C . 14.62 34.22 25.02
N GLU D . 14.54 4.48 15.40
CA GLU D . 15.41 3.94 14.33
C GLU D . 14.66 3.75 13.00
O GLU D . 15.34 3.59 11.96
CB GLU D . 16.02 2.61 14.78
CG GLU D . 17.04 2.75 15.93
CD GLU D . 17.37 1.41 16.59
OE1 GLU D . 17.51 0.40 15.86
OE2 GLU D . 17.48 1.37 17.84
OXT GLU D . 13.41 3.78 12.99
C1 NAG E . -37.52 12.25 -20.88
C2 NAG E . -38.12 11.85 -22.25
C3 NAG E . -38.25 13.08 -23.15
C4 NAG E . -38.99 14.21 -22.43
C5 NAG E . -38.32 14.49 -21.09
C6 NAG E . -39.04 15.57 -20.28
C7 NAG E . -37.71 9.65 -23.18
C8 NAG E . -37.32 9.09 -24.54
N2 NAG E . -37.24 10.86 -22.88
O3 NAG E . -38.94 12.74 -24.34
O4 NAG E . -38.99 15.39 -23.22
O5 NAG E . -38.29 13.30 -20.28
O6 NAG E . -40.29 15.10 -19.80
O7 NAG E . -38.43 9.01 -22.43
N GLU F . -13.49 -5.27 -15.59
CA GLU F . -13.61 -6.39 -14.61
C GLU F . -12.75 -6.09 -13.38
O GLU F . -12.84 -6.87 -12.41
CB GLU F . -13.17 -7.71 -15.24
CG GLU F . -14.10 -8.20 -16.34
CD GLU F . -13.49 -9.29 -17.21
OE1 GLU F . -12.74 -10.14 -16.66
OE2 GLU F . -13.76 -9.31 -18.42
OXT GLU F . -12.02 -5.09 -13.41
#